data_3CZG
#
_entry.id   3CZG
#
_cell.length_a   96.800
_cell.length_b   119.200
_cell.length_c   55.900
_cell.angle_alpha   90.000
_cell.angle_beta   90.000
_cell.angle_gamma   90.000
#
_symmetry.space_group_name_H-M   'P 21 21 2'
#
loop_
_entity.id
_entity.type
_entity.pdbx_description
1 polymer 'Sucrose hydrolase'
2 non-polymer alpha-D-glucopyranose
3 water water
#
_entity_poly.entity_id   1
_entity_poly.type   'polypeptide(L)'
_entity_poly.pdbx_seq_one_letter_code
;MSTCPIDPPALRAAFAGPLDPQHAEVLLSRYDQHASRLLDALHALYGQRADYASWLAQWLGEVGDIARQRPQALQTLDST
RHAGWFGQPH(MSE)LGYSAYADRFAGTLQGVAERVPYLQELGVRYLHLLPFLRARAGDNDGGFAVSDYGQVEPSLGSND
DLVALTSRLREAGISLCADFVLNHTADDHAWAQAARAGDARYLDYYHHFADRTVPDRYEATLGQVFPHTAPGNFTWVDDT
AQW(MSE)WTTFYPYQWDLNWSNPAVFGD(MSE)ALA(MSE)LRLANLGVEAFRLDSTAYLWKRIGTDC(MSE)NQSEAH
TLLVALRAVTDIVAPAVV(MSE)KAEAIVP(MSE)TQLPPYFGSGVDEGHECHLAYHSTL(MSE)AAGWSALALQRGDIL
HNVIAHSPPLPRHCAWLSYVRCHDDIGWNVLQHEACGNAAQPPFSLRDVARFYANAVPGSYARGESFQSSGDGVHGTNG
(MSE)AAALAGIQAAQEAGDAAALAVAVDRLVLLYAIALA(MSE)PGVPLIY(MSE)GDELA(MSE)VNDPGYRDDPHRQ
HEGRWLHRPA(MSE)DWQLAAQRHDAKSLSGTVYRRLRGLIRQRAALGALAADQALASIALNDPRVFALTRGDSFIALHN
FSDQLLDVELAAIGVDGWTLLAIDDAIGGAAARGDGSIVLPPYGVRWLQRGTEHAPE
;
_entity_poly.pdbx_strand_id   A
#
loop_
_chem_comp.id
_chem_comp.type
_chem_comp.name
_chem_comp.formula
GLC D-saccharide, alpha linking alpha-D-glucopyranose 'C6 H12 O6'
#
# COMPACT_ATOMS: atom_id res chain seq x y z
N ILE A 6 12.85 20.65 28.33
CA ILE A 6 12.65 19.29 28.91
C ILE A 6 13.90 18.78 29.62
N ASP A 7 13.74 17.65 30.30
CA ASP A 7 14.81 17.03 31.05
C ASP A 7 15.09 15.66 30.44
N PRO A 8 15.98 15.61 29.42
CA PRO A 8 16.34 14.37 28.72
C PRO A 8 16.64 13.16 29.60
N PRO A 9 17.51 13.30 30.61
CA PRO A 9 17.80 12.14 31.46
C PRO A 9 16.57 11.59 32.18
N ALA A 10 15.68 12.47 32.60
CA ALA A 10 14.47 12.02 33.30
C ALA A 10 13.58 11.26 32.32
N LEU A 11 13.54 11.71 31.08
CA LEU A 11 12.73 11.04 30.05
C LEU A 11 13.35 9.69 29.71
N ARG A 12 14.67 9.68 29.55
CA ARG A 12 15.40 8.45 29.24
C ARG A 12 15.18 7.44 30.36
N ALA A 13 15.23 7.91 31.61
CA ALA A 13 15.04 7.04 32.77
C ALA A 13 13.64 6.42 32.75
N ALA A 14 12.65 7.22 32.36
CA ALA A 14 11.26 6.77 32.29
C ALA A 14 11.16 5.62 31.28
N PHE A 15 11.85 5.77 30.16
CA PHE A 15 11.86 4.76 29.12
C PHE A 15 12.61 3.50 29.55
N ALA A 16 13.76 3.69 30.18
CA ALA A 16 14.61 2.57 30.61
C ALA A 16 14.04 1.72 31.73
N GLY A 17 13.26 2.34 32.61
CA GLY A 17 12.70 1.62 33.74
C GLY A 17 12.23 0.20 33.51
N PRO A 18 11.16 0.00 32.72
CA PRO A 18 10.61 -1.33 32.43
C PRO A 18 11.47 -2.31 31.63
N LEU A 19 12.56 -1.82 31.03
CA LEU A 19 13.43 -2.68 30.25
C LEU A 19 14.11 -3.79 31.05
N ASP A 20 14.40 -4.89 30.37
CA ASP A 20 15.07 -6.03 30.98
C ASP A 20 16.57 -5.70 30.94
N PRO A 21 17.26 -5.76 32.08
CA PRO A 21 18.69 -5.45 32.08
C PRO A 21 19.51 -6.22 31.03
N GLN A 22 18.98 -7.36 30.60
CA GLN A 22 19.66 -8.17 29.59
C GLN A 22 19.40 -7.69 28.17
N HIS A 23 18.54 -6.70 28.02
CA HIS A 23 18.24 -6.16 26.70
C HIS A 23 18.17 -4.64 26.74
N ALA A 24 18.57 -4.05 27.86
CA ALA A 24 18.53 -2.61 28.00
C ALA A 24 19.56 -1.91 27.12
N GLU A 25 20.77 -2.47 27.04
CA GLU A 25 21.85 -1.87 26.26
C GLU A 25 21.51 -1.56 24.81
N VAL A 26 21.13 -2.57 24.04
CA VAL A 26 20.79 -2.37 22.64
C VAL A 26 19.65 -1.37 22.47
N LEU A 27 18.58 -1.55 23.24
CA LEU A 27 17.43 -0.64 23.17
C LEU A 27 17.80 0.78 23.52
N LEU A 28 18.56 0.96 24.61
CA LEU A 28 18.96 2.29 25.02
C LEU A 28 19.89 2.93 24.00
N SER A 29 20.67 2.12 23.31
CA SER A 29 21.59 2.63 22.31
C SER A 29 20.80 3.28 21.19
N ARG A 30 19.72 2.62 20.77
CA ARG A 30 18.86 3.16 19.72
C ARG A 30 18.07 4.36 20.23
N TYR A 31 17.69 4.33 21.50
CA TYR A 31 16.97 5.46 22.08
C TYR A 31 17.86 6.70 22.03
N ASP A 32 19.12 6.53 22.40
CA ASP A 32 20.04 7.66 22.41
C ASP A 32 20.28 8.32 21.07
N GLN A 33 20.19 7.55 19.99
CA GLN A 33 20.42 8.14 18.68
C GLN A 33 19.17 8.66 17.98
N HIS A 34 18.00 8.18 18.39
CA HIS A 34 16.74 8.57 17.74
C HIS A 34 15.76 9.37 18.59
N ALA A 35 15.87 9.27 19.92
CA ALA A 35 14.93 9.97 20.80
C ALA A 35 14.82 11.48 20.61
N SER A 36 15.92 12.14 20.30
CA SER A 36 15.88 13.59 20.12
C SER A 36 14.96 13.99 18.98
N ARG A 37 14.96 13.21 17.90
CA ARG A 37 14.10 13.49 16.75
C ARG A 37 12.65 13.29 17.16
N LEU A 38 12.41 12.23 17.93
CA LEU A 38 11.06 11.92 18.41
C LEU A 38 10.54 13.06 19.30
N LEU A 39 11.39 13.53 20.19
CA LEU A 39 11.03 14.60 21.11
C LEU A 39 10.79 15.92 20.38
N ASP A 40 11.60 16.22 19.38
CA ASP A 40 11.40 17.47 18.63
C ASP A 40 10.07 17.44 17.91
N ALA A 41 9.71 16.27 17.39
CA ALA A 41 8.45 16.13 16.67
C ALA A 41 7.27 16.32 17.61
N LEU A 42 7.28 15.61 18.73
CA LEU A 42 6.21 15.72 19.71
C LEU A 42 6.11 17.12 20.30
N HIS A 43 7.24 17.77 20.53
CA HIS A 43 7.22 19.11 21.07
C HIS A 43 6.55 20.06 20.09
N ALA A 44 6.83 19.89 18.81
CA ALA A 44 6.24 20.75 17.79
C ALA A 44 4.72 20.59 17.74
N LEU A 45 4.24 19.38 18.03
CA LEU A 45 2.82 19.09 17.99
C LEU A 45 2.04 19.36 19.27
N TYR A 46 2.65 19.03 20.41
CA TYR A 46 1.98 19.17 21.70
C TYR A 46 2.74 19.95 22.77
N GLY A 47 3.95 20.38 22.44
CA GLY A 47 4.78 21.10 23.40
C GLY A 47 4.17 22.24 24.18
N GLN A 48 3.19 22.94 23.60
CA GLN A 48 2.56 24.08 24.25
C GLN A 48 1.51 23.68 25.28
N ARG A 49 1.14 22.40 25.30
CA ARG A 49 0.15 21.92 26.25
C ARG A 49 0.70 21.93 27.68
N ALA A 50 -0.19 22.20 28.63
CA ALA A 50 0.20 22.25 30.03
C ALA A 50 0.46 20.84 30.57
N ASP A 51 -0.23 19.86 29.99
CA ASP A 51 -0.07 18.47 30.40
C ASP A 51 1.04 17.72 29.66
N TYR A 52 1.67 18.39 28.70
CA TYR A 52 2.71 17.77 27.89
C TYR A 52 3.78 16.97 28.62
N ALA A 53 4.54 17.65 29.48
CA ALA A 53 5.62 16.98 30.22
C ALA A 53 5.14 15.76 31.02
N SER A 54 3.99 15.86 31.65
CA SER A 54 3.47 14.74 32.44
C SER A 54 3.08 13.58 31.54
N TRP A 55 2.36 13.90 30.46
CA TRP A 55 1.93 12.90 29.48
C TRP A 55 3.12 12.16 28.87
N LEU A 56 4.12 12.94 28.47
CA LEU A 56 5.31 12.39 27.84
C LEU A 56 6.06 11.40 28.72
N ALA A 57 6.29 11.78 29.97
CA ALA A 57 6.98 10.93 30.92
C ALA A 57 6.23 9.62 31.13
N GLN A 58 4.90 9.72 31.22
CA GLN A 58 4.05 8.55 31.41
C GLN A 58 4.05 7.64 30.18
N TRP A 59 3.89 8.24 29.01
CA TRP A 59 3.87 7.48 27.77
C TRP A 59 5.19 6.76 27.51
N LEU A 60 6.32 7.45 27.71
CA LEU A 60 7.62 6.82 27.47
C LEU A 60 7.82 5.58 28.34
N GLY A 61 7.25 5.62 29.53
CA GLY A 61 7.34 4.48 30.42
C GLY A 61 6.57 3.32 29.81
N GLU A 62 5.41 3.63 29.24
CA GLU A 62 4.58 2.61 28.60
C GLU A 62 5.30 2.07 27.36
N VAL A 63 5.98 2.95 26.65
CA VAL A 63 6.73 2.53 25.46
C VAL A 63 7.83 1.57 25.87
N GLY A 64 8.56 1.91 26.93
CA GLY A 64 9.62 1.03 27.39
C GLY A 64 9.09 -0.33 27.79
N ASP A 65 7.93 -0.36 28.43
CA ASP A 65 7.35 -1.64 28.86
C ASP A 65 6.96 -2.51 27.67
N ILE A 66 6.45 -1.90 26.61
CA ILE A 66 6.06 -2.67 25.43
C ILE A 66 7.34 -3.14 24.74
N ALA A 67 8.37 -2.30 24.77
CA ALA A 67 9.65 -2.65 24.16
C ALA A 67 10.18 -3.91 24.82
N ARG A 68 10.04 -3.98 26.13
CA ARG A 68 10.51 -5.14 26.88
C ARG A 68 9.77 -6.40 26.48
N GLN A 69 8.48 -6.27 26.22
CA GLN A 69 7.64 -7.40 25.84
C GLN A 69 7.89 -7.96 24.44
N ARG A 70 8.64 -7.24 23.62
CA ARG A 70 8.90 -7.71 22.27
C ARG A 70 9.57 -9.08 22.32
N PRO A 71 8.97 -10.09 21.64
CA PRO A 71 9.54 -11.44 21.63
C PRO A 71 11.00 -11.44 21.20
N GLN A 72 11.79 -12.32 21.81
CA GLN A 72 13.21 -12.40 21.49
C GLN A 72 13.49 -12.57 20.01
N ALA A 73 12.73 -13.44 19.35
CA ALA A 73 12.91 -13.69 17.92
C ALA A 73 12.79 -12.39 17.13
N LEU A 74 11.89 -11.52 17.56
CA LEU A 74 11.70 -10.25 16.86
C LEU A 74 12.79 -9.26 17.24
N GLN A 75 13.22 -9.29 18.50
CA GLN A 75 14.28 -8.40 18.95
C GLN A 75 15.55 -8.75 18.19
N THR A 76 15.72 -10.05 17.91
CA THR A 76 16.88 -10.52 17.15
C THR A 76 16.77 -10.04 15.71
N LEU A 77 15.55 -10.08 15.18
CA LEU A 77 15.31 -9.63 13.82
C LEU A 77 15.69 -8.14 13.75
N ASP A 78 15.28 -7.39 14.77
CA ASP A 78 15.57 -5.96 14.85
C ASP A 78 17.07 -5.68 14.78
N SER A 79 17.87 -6.57 15.37
CA SER A 79 19.32 -6.40 15.41
C SER A 79 20.10 -6.97 14.22
N THR A 80 19.49 -7.86 13.45
CA THR A 80 20.22 -8.47 12.33
C THR A 80 19.84 -7.95 10.96
N ARG A 81 18.60 -7.50 10.81
CA ARG A 81 18.11 -6.98 9.54
C ARG A 81 18.76 -5.65 9.20
N HIS A 82 19.16 -5.48 7.94
CA HIS A 82 19.79 -4.24 7.50
C HIS A 82 18.78 -3.27 6.92
N ALA A 83 19.05 -1.98 7.05
CA ALA A 83 18.17 -0.96 6.50
C ALA A 83 18.05 -1.17 4.99
N GLY A 84 16.87 -0.94 4.44
CA GLY A 84 16.66 -1.12 3.01
C GLY A 84 16.38 -2.56 2.60
N TRP A 85 16.30 -3.45 3.57
CA TRP A 85 16.04 -4.87 3.30
C TRP A 85 14.88 -5.10 2.35
N PHE A 86 13.80 -4.33 2.52
CA PHE A 86 12.60 -4.47 1.70
C PHE A 86 12.76 -4.13 0.23
N GLY A 87 13.89 -3.51 -0.12
CA GLY A 87 14.12 -3.15 -1.51
C GLY A 87 15.01 -4.11 -2.28
N GLN A 88 15.39 -5.21 -1.65
CA GLN A 88 16.23 -6.19 -2.31
C GLN A 88 15.48 -6.90 -3.44
N PRO A 89 16.20 -7.34 -4.49
CA PRO A 89 15.67 -8.03 -5.66
C PRO A 89 14.74 -9.21 -5.42
N HIS A 90 14.99 -9.96 -4.34
CA HIS A 90 14.18 -11.13 -4.06
C HIS A 90 12.81 -10.79 -3.47
N MSE A 91 12.60 -9.53 -3.12
CA MSE A 91 11.32 -9.13 -2.55
C MSE A 91 10.22 -9.19 -3.60
O MSE A 91 10.34 -8.63 -4.69
CB MSE A 91 11.42 -7.72 -1.96
CG MSE A 91 12.37 -7.61 -0.78
SE MSE A 91 11.86 -8.68 0.75
CE MSE A 91 10.24 -7.74 1.23
N LEU A 92 9.14 -9.91 -3.26
CA LEU A 92 7.99 -10.05 -4.14
C LEU A 92 6.78 -10.00 -3.20
N GLY A 93 5.79 -9.18 -3.53
CA GLY A 93 4.63 -9.04 -2.68
C GLY A 93 3.34 -9.67 -3.15
N TYR A 94 2.39 -9.81 -2.24
CA TYR A 94 1.10 -10.42 -2.53
C TYR A 94 0.08 -9.77 -1.60
N SER A 95 -1.04 -9.29 -2.14
CA SER A 95 -2.06 -8.65 -1.32
C SER A 95 -3.37 -9.43 -1.39
N ALA A 96 -3.97 -9.72 -0.24
CA ALA A 96 -5.22 -10.48 -0.20
C ALA A 96 -6.01 -10.33 1.09
N TYR A 97 -7.27 -10.75 1.04
CA TYR A 97 -8.12 -10.74 2.22
C TYR A 97 -7.87 -12.09 2.85
N ALA A 98 -7.73 -12.16 4.17
CA ALA A 98 -7.48 -13.43 4.82
C ALA A 98 -8.66 -14.40 4.60
N ASP A 99 -9.88 -13.89 4.73
CA ASP A 99 -11.05 -14.73 4.56
C ASP A 99 -11.23 -15.20 3.12
N ARG A 100 -10.95 -14.32 2.15
CA ARG A 100 -11.11 -14.71 0.75
C ARG A 100 -9.99 -15.65 0.33
N PHE A 101 -8.81 -15.49 0.92
CA PHE A 101 -7.67 -16.33 0.59
C PHE A 101 -7.78 -17.73 1.19
N ALA A 102 -8.03 -17.81 2.50
CA ALA A 102 -8.11 -19.11 3.14
C ALA A 102 -9.04 -19.22 4.34
N GLY A 103 -10.06 -18.36 4.37
CA GLY A 103 -11.04 -18.38 5.43
C GLY A 103 -10.68 -17.78 6.77
N THR A 104 -9.60 -18.26 7.36
CA THR A 104 -9.16 -17.78 8.66
C THR A 104 -7.64 -17.65 8.70
N LEU A 105 -7.12 -17.09 9.79
CA LEU A 105 -5.67 -16.94 9.90
C LEU A 105 -4.97 -18.30 9.93
N GLN A 106 -5.57 -19.32 10.55
CA GLN A 106 -4.94 -20.63 10.57
C GLN A 106 -4.94 -21.18 9.14
N GLY A 107 -5.99 -20.86 8.39
CA GLY A 107 -6.10 -21.29 7.01
C GLY A 107 -5.01 -20.66 6.18
N VAL A 108 -4.75 -19.38 6.42
CA VAL A 108 -3.70 -18.68 5.68
C VAL A 108 -2.36 -19.37 5.96
N ALA A 109 -2.10 -19.67 7.24
CA ALA A 109 -0.86 -20.33 7.60
C ALA A 109 -0.66 -21.66 6.86
N GLU A 110 -1.74 -22.40 6.62
CA GLU A 110 -1.59 -23.67 5.93
C GLU A 110 -1.36 -23.51 4.43
N ARG A 111 -1.62 -22.31 3.91
CA ARG A 111 -1.41 -22.04 2.49
C ARG A 111 -0.08 -21.36 2.22
N VAL A 112 0.74 -21.24 3.26
CA VAL A 112 2.05 -20.60 3.10
C VAL A 112 2.90 -21.28 2.02
N PRO A 113 2.80 -22.62 1.88
CA PRO A 113 3.60 -23.28 0.85
C PRO A 113 3.28 -22.70 -0.53
N TYR A 114 2.00 -22.38 -0.75
CA TYR A 114 1.58 -21.81 -2.02
C TYR A 114 2.32 -20.49 -2.24
N LEU A 115 2.34 -19.66 -1.20
CA LEU A 115 3.02 -18.37 -1.25
C LEU A 115 4.52 -18.54 -1.50
N GLN A 116 5.13 -19.52 -0.84
CA GLN A 116 6.57 -19.79 -1.00
C GLN A 116 6.94 -20.18 -2.43
N GLU A 117 6.12 -21.04 -3.03
CA GLU A 117 6.36 -21.50 -4.40
C GLU A 117 6.31 -20.37 -5.41
N LEU A 118 5.45 -19.39 -5.14
CA LEU A 118 5.29 -18.25 -6.04
C LEU A 118 6.46 -17.28 -5.88
N GLY A 119 7.14 -17.36 -4.74
CA GLY A 119 8.28 -16.48 -4.49
C GLY A 119 7.92 -15.30 -3.60
N VAL A 120 6.73 -15.33 -3.01
CA VAL A 120 6.29 -14.26 -2.14
C VAL A 120 7.18 -14.09 -0.91
N ARG A 121 7.56 -12.85 -0.62
CA ARG A 121 8.41 -12.55 0.54
C ARG A 121 7.79 -11.42 1.36
N TYR A 122 6.62 -10.96 0.92
CA TYR A 122 5.92 -9.86 1.58
C TYR A 122 4.43 -10.10 1.36
N LEU A 123 3.71 -10.30 2.46
CA LEU A 123 2.27 -10.57 2.39
C LEU A 123 1.45 -9.51 3.07
N HIS A 124 0.55 -8.89 2.30
CA HIS A 124 -0.33 -7.87 2.85
C HIS A 124 -1.69 -8.54 3.05
N LEU A 125 -2.13 -8.65 4.29
CA LEU A 125 -3.45 -9.21 4.53
C LEU A 125 -4.30 -7.97 4.83
N LEU A 126 -5.40 -7.81 4.09
CA LEU A 126 -6.29 -6.68 4.29
C LEU A 126 -6.88 -6.70 5.70
N PRO A 127 -7.48 -5.57 6.16
CA PRO A 127 -8.05 -5.47 7.51
C PRO A 127 -8.56 -6.75 8.17
N PHE A 128 -7.77 -7.26 9.12
CA PHE A 128 -8.11 -8.48 9.84
C PHE A 128 -8.36 -8.26 11.34
N LEU A 129 -8.37 -7.01 11.76
CA LEU A 129 -8.61 -6.67 13.15
C LEU A 129 -10.13 -6.51 13.35
N ARG A 130 -10.58 -6.64 14.60
CA ARG A 130 -12.01 -6.55 14.92
C ARG A 130 -12.62 -5.31 14.26
N ALA A 131 -13.67 -5.52 13.48
CA ALA A 131 -14.33 -4.42 12.77
C ALA A 131 -15.74 -4.14 13.23
N ARG A 132 -16.25 -2.96 12.88
CA ARG A 132 -17.59 -2.54 13.26
C ARG A 132 -18.65 -3.61 12.95
N ALA A 133 -19.61 -3.77 13.87
CA ALA A 133 -20.68 -4.73 13.66
C ALA A 133 -21.52 -4.19 12.52
N GLY A 134 -21.94 -5.07 11.60
CA GLY A 134 -22.74 -4.63 10.48
C GLY A 134 -21.83 -4.11 9.37
N ASP A 135 -22.14 -2.96 8.81
CA ASP A 135 -21.31 -2.39 7.75
C ASP A 135 -20.00 -1.86 8.34
N ASN A 136 -18.88 -2.22 7.71
CA ASN A 136 -17.59 -1.77 8.20
C ASN A 136 -16.58 -1.55 7.08
N ASP A 137 -17.10 -1.38 5.86
CA ASP A 137 -16.29 -1.16 4.68
C ASP A 137 -15.17 -2.18 4.47
N GLY A 138 -15.55 -3.45 4.47
CA GLY A 138 -14.55 -4.48 4.27
C GLY A 138 -13.46 -4.47 5.33
N GLY A 139 -13.84 -4.13 6.56
CA GLY A 139 -12.88 -4.12 7.66
C GLY A 139 -12.15 -2.84 7.94
N PHE A 140 -12.37 -1.80 7.13
CA PHE A 140 -11.69 -0.53 7.33
C PHE A 140 -12.24 0.36 8.44
N ALA A 141 -13.34 -0.06 9.06
CA ALA A 141 -13.91 0.66 10.19
C ALA A 141 -13.46 -0.23 11.35
N VAL A 142 -12.33 0.12 11.96
CA VAL A 142 -11.74 -0.67 13.05
C VAL A 142 -12.32 -0.43 14.43
N SER A 143 -12.72 -1.52 15.08
CA SER A 143 -13.30 -1.48 16.43
C SER A 143 -12.30 -1.78 17.54
N ASP A 144 -11.19 -2.42 17.20
CA ASP A 144 -10.15 -2.75 18.19
C ASP A 144 -8.82 -2.97 17.45
N TYR A 145 -7.85 -2.08 17.68
CA TYR A 145 -6.55 -2.22 17.02
C TYR A 145 -5.70 -3.32 17.64
N GLY A 146 -6.11 -3.81 18.79
CA GLY A 146 -5.32 -4.83 19.47
C GLY A 146 -5.87 -6.23 19.44
N GLN A 147 -6.88 -6.48 18.63
CA GLN A 147 -7.47 -7.81 18.57
C GLN A 147 -7.97 -8.21 17.19
N VAL A 148 -7.65 -9.44 16.80
CA VAL A 148 -8.07 -9.99 15.52
C VAL A 148 -9.59 -10.17 15.49
N GLU A 149 -10.16 -10.04 14.29
CA GLU A 149 -11.60 -10.22 14.09
C GLU A 149 -11.88 -11.67 14.44
N PRO A 150 -12.80 -11.92 15.38
CA PRO A 150 -13.11 -13.30 15.78
C PRO A 150 -13.38 -14.29 14.66
N SER A 151 -14.09 -13.85 13.61
CA SER A 151 -14.40 -14.74 12.51
C SER A 151 -13.16 -15.16 11.72
N LEU A 152 -12.04 -14.49 11.97
CA LEU A 152 -10.80 -14.84 11.29
C LEU A 152 -9.85 -15.62 12.18
N GLY A 153 -10.09 -15.55 13.49
CA GLY A 153 -9.25 -16.27 14.42
C GLY A 153 -8.95 -15.45 15.67
N SER A 154 -7.85 -15.80 16.34
CA SER A 154 -7.45 -15.12 17.56
C SER A 154 -6.07 -14.47 17.40
N ASN A 155 -5.65 -13.77 18.44
CA ASN A 155 -4.33 -13.14 18.42
C ASN A 155 -3.29 -14.25 18.39
N ASP A 156 -3.58 -15.36 19.06
CA ASP A 156 -2.66 -16.50 19.07
C ASP A 156 -2.47 -17.02 17.67
N ASP A 157 -3.54 -17.01 16.87
CA ASP A 157 -3.45 -17.48 15.49
C ASP A 157 -2.59 -16.50 14.70
N LEU A 158 -2.68 -15.22 15.03
CA LEU A 158 -1.90 -14.20 14.32
C LEU A 158 -0.42 -14.47 14.62
N VAL A 159 -0.13 -14.73 15.88
CA VAL A 159 1.24 -15.01 16.28
C VAL A 159 1.75 -16.27 15.58
N ALA A 160 0.91 -17.31 15.53
CA ALA A 160 1.30 -18.55 14.86
C ALA A 160 1.53 -18.28 13.37
N LEU A 161 0.71 -17.41 12.79
CA LEU A 161 0.84 -17.08 11.38
C LEU A 161 2.13 -16.32 11.08
N THR A 162 2.42 -15.28 11.86
CA THR A 162 3.63 -14.52 11.62
C THR A 162 4.89 -15.34 11.85
N SER A 163 4.86 -16.23 12.83
CA SER A 163 6.01 -17.09 13.11
C SER A 163 6.24 -17.99 11.90
N ARG A 164 5.17 -18.56 11.37
CA ARG A 164 5.25 -19.43 10.20
C ARG A 164 5.70 -18.65 8.97
N LEU A 165 5.16 -17.45 8.79
CA LEU A 165 5.54 -16.63 7.65
C LEU A 165 7.02 -16.28 7.75
N ARG A 166 7.44 -15.87 8.95
CA ARG A 166 8.83 -15.49 9.18
C ARG A 166 9.77 -16.63 8.81
N GLU A 167 9.35 -17.86 9.07
CA GLU A 167 10.17 -19.03 8.74
C GLU A 167 10.34 -19.11 7.23
N ALA A 168 9.24 -18.92 6.51
CA ALA A 168 9.25 -18.97 5.05
C ALA A 168 9.88 -17.73 4.44
N GLY A 169 10.32 -16.82 5.29
CA GLY A 169 10.94 -15.59 4.83
C GLY A 169 9.96 -14.55 4.33
N ILE A 170 8.75 -14.58 4.86
CA ILE A 170 7.70 -13.65 4.46
C ILE A 170 7.38 -12.64 5.56
N SER A 171 7.32 -11.37 5.17
CA SER A 171 7.03 -10.29 6.10
C SER A 171 5.56 -9.90 5.95
N LEU A 172 4.84 -9.85 7.07
CA LEU A 172 3.42 -9.49 7.04
C LEU A 172 3.19 -8.01 7.11
N CYS A 173 2.38 -7.50 6.19
CA CYS A 173 2.04 -6.08 6.20
C CYS A 173 0.59 -6.01 6.65
N ALA A 174 0.31 -5.14 7.61
CA ALA A 174 -1.05 -4.98 8.08
C ALA A 174 -1.45 -3.53 7.95
N ASP A 175 -2.74 -3.28 7.77
CA ASP A 175 -3.25 -1.93 7.68
C ASP A 175 -3.36 -1.37 9.08
N PHE A 176 -2.98 -0.11 9.21
CA PHE A 176 -3.08 0.58 10.49
C PHE A 176 -3.91 1.81 10.13
N VAL A 177 -5.22 1.71 10.34
CA VAL A 177 -6.14 2.80 10.02
C VAL A 177 -6.07 3.82 11.14
N LEU A 178 -5.03 4.66 11.10
CA LEU A 178 -4.84 5.64 12.15
C LEU A 178 -5.60 6.96 12.06
N ASN A 179 -6.27 7.22 10.95
CA ASN A 179 -7.01 8.48 10.83
C ASN A 179 -8.37 8.46 11.52
N HIS A 180 -8.98 7.28 11.58
CA HIS A 180 -10.31 7.14 12.17
C HIS A 180 -10.58 5.74 12.68
N THR A 181 -11.56 5.62 13.57
CA THR A 181 -11.94 4.33 14.13
C THR A 181 -13.43 4.11 13.85
N ALA A 182 -13.89 2.88 14.03
CA ALA A 182 -15.30 2.57 13.85
C ALA A 182 -16.01 3.29 15.00
N ASP A 183 -17.28 3.63 14.83
CA ASP A 183 -18.00 4.33 15.88
C ASP A 183 -18.46 3.43 17.02
N ASP A 184 -17.96 2.20 17.04
CA ASP A 184 -18.30 1.27 18.13
C ASP A 184 -17.00 0.79 18.77
N HIS A 185 -15.92 1.51 18.49
CA HIS A 185 -14.62 1.23 19.07
C HIS A 185 -14.81 1.58 20.55
N ALA A 186 -14.09 0.92 21.45
CA ALA A 186 -14.24 1.19 22.88
C ALA A 186 -14.14 2.68 23.23
N TRP A 187 -13.24 3.40 22.56
CA TRP A 187 -13.09 4.83 22.83
C TRP A 187 -14.38 5.54 22.43
N ALA A 188 -14.96 5.12 21.31
CA ALA A 188 -16.20 5.71 20.81
C ALA A 188 -17.35 5.38 21.77
N GLN A 189 -17.39 4.14 22.25
CA GLN A 189 -18.44 3.75 23.18
C GLN A 189 -18.31 4.53 24.48
N ALA A 190 -17.08 4.73 24.93
CA ALA A 190 -16.85 5.48 26.15
C ALA A 190 -17.31 6.92 25.95
N ALA A 191 -17.17 7.41 24.73
CA ALA A 191 -17.59 8.78 24.40
C ALA A 191 -19.12 8.82 24.39
N ARG A 192 -19.74 7.79 23.82
CA ARG A 192 -21.19 7.70 23.74
C ARG A 192 -21.79 7.67 25.14
N ALA A 193 -21.02 7.16 26.11
CA ALA A 193 -21.49 7.07 27.49
C ALA A 193 -21.22 8.36 28.29
N GLY A 194 -20.64 9.36 27.63
CA GLY A 194 -20.38 10.62 28.31
C GLY A 194 -19.00 10.81 28.93
N ASP A 195 -18.04 9.94 28.61
CA ASP A 195 -16.70 10.10 29.16
C ASP A 195 -16.01 11.20 28.37
N ALA A 196 -15.87 12.38 28.97
CA ALA A 196 -15.23 13.50 28.30
C ALA A 196 -13.82 13.17 27.82
N ARG A 197 -13.10 12.35 28.58
CA ARG A 197 -11.75 11.96 28.24
C ARG A 197 -11.64 11.34 26.85
N TYR A 198 -12.52 10.38 26.57
CA TYR A 198 -12.49 9.70 25.28
C TYR A 198 -13.27 10.44 24.22
N LEU A 199 -14.20 11.28 24.62
CA LEU A 199 -14.95 12.05 23.64
C LEU A 199 -13.88 12.92 22.97
N ASP A 200 -12.90 13.35 23.76
CA ASP A 200 -11.81 14.18 23.24
C ASP A 200 -10.81 13.43 22.38
N TYR A 201 -11.04 12.14 22.15
CA TYR A 201 -10.14 11.37 21.29
C TYR A 201 -10.61 11.60 19.86
N TYR A 202 -11.75 12.27 19.73
CA TYR A 202 -12.34 12.56 18.42
C TYR A 202 -12.61 14.05 18.27
N HIS A 203 -13.03 14.45 17.07
CA HIS A 203 -13.36 15.85 16.82
C HIS A 203 -14.89 15.96 16.96
N HIS A 204 -15.33 16.61 18.03
CA HIS A 204 -16.76 16.75 18.30
C HIS A 204 -17.18 18.20 18.50
N PHE A 205 -18.38 18.54 18.02
CA PHE A 205 -18.90 19.90 18.15
C PHE A 205 -20.38 19.89 18.49
N ALA A 206 -20.79 20.79 19.38
CA ALA A 206 -22.19 20.88 19.82
C ALA A 206 -23.12 21.41 18.73
N ASP A 207 -22.66 22.40 17.99
CA ASP A 207 -23.43 22.99 16.91
C ASP A 207 -22.65 22.93 15.60
N ARG A 208 -23.25 23.43 14.53
CA ARG A 208 -22.57 23.43 13.23
C ARG A 208 -21.69 24.65 13.12
N THR A 209 -21.63 25.43 14.19
CA THR A 209 -20.82 26.65 14.22
C THR A 209 -19.39 26.42 13.73
N VAL A 210 -18.63 25.61 14.45
CA VAL A 210 -17.25 25.32 14.05
C VAL A 210 -17.21 24.48 12.77
N PRO A 211 -18.03 23.41 12.70
CA PRO A 211 -18.04 22.56 11.51
C PRO A 211 -18.16 23.33 10.20
N ASP A 212 -19.01 24.35 10.17
CA ASP A 212 -19.20 25.14 8.95
C ASP A 212 -17.94 25.87 8.51
N ARG A 213 -17.22 26.45 9.46
CA ARG A 213 -15.98 27.16 9.14
C ARG A 213 -15.04 26.20 8.44
N TYR A 214 -14.90 24.99 8.99
CA TYR A 214 -14.04 23.99 8.39
C TYR A 214 -14.56 23.64 7.00
N GLU A 215 -15.86 23.38 6.90
CA GLU A 215 -16.49 23.03 5.64
C GLU A 215 -16.21 24.06 4.55
N ALA A 216 -16.15 25.34 4.92
CA ALA A 216 -15.90 26.40 3.97
C ALA A 216 -14.66 26.15 3.12
N THR A 217 -13.66 25.53 3.72
CA THR A 217 -12.41 25.24 3.00
C THR A 217 -12.20 23.75 2.74
N LEU A 218 -13.03 22.91 3.35
CA LEU A 218 -12.91 21.47 3.17
C LEU A 218 -13.43 20.99 1.82
N GLY A 219 -12.96 19.83 1.39
CA GLY A 219 -13.38 19.28 0.13
C GLY A 219 -14.19 18.00 0.30
N GLN A 220 -15.19 17.82 -0.56
CA GLN A 220 -16.06 16.65 -0.50
C GLN A 220 -15.24 15.38 -0.71
N VAL A 221 -15.53 14.35 0.08
CA VAL A 221 -14.82 13.08 -0.02
C VAL A 221 -15.76 11.97 -0.46
N GLY A 228 -20.94 15.82 3.10
CA GLY A 228 -20.39 16.53 4.24
C GLY A 228 -19.26 15.79 4.92
N ASN A 229 -18.59 16.48 5.83
CA ASN A 229 -17.47 15.92 6.58
C ASN A 229 -17.82 15.67 8.03
N PHE A 230 -19.09 15.85 8.37
CA PHE A 230 -19.55 15.65 9.74
C PHE A 230 -20.82 14.81 9.79
N THR A 231 -20.93 13.97 10.81
CA THR A 231 -22.10 13.13 10.97
C THR A 231 -22.69 13.37 12.35
N TRP A 232 -23.98 13.68 12.41
CA TRP A 232 -24.63 13.91 13.69
C TRP A 232 -24.86 12.59 14.40
N VAL A 233 -24.46 12.54 15.66
CA VAL A 233 -24.60 11.35 16.50
C VAL A 233 -25.42 11.69 17.73
N ASP A 234 -26.57 11.02 17.88
CA ASP A 234 -27.44 11.28 19.02
C ASP A 234 -26.83 10.93 20.37
N ASP A 235 -26.22 9.75 20.48
CA ASP A 235 -25.63 9.33 21.74
C ASP A 235 -24.65 10.35 22.32
N THR A 236 -23.89 11.02 21.47
CA THR A 236 -22.95 12.03 21.97
C THR A 236 -23.60 13.40 21.88
N ALA A 237 -24.66 13.49 21.08
CA ALA A 237 -25.39 14.73 20.88
C ALA A 237 -24.48 15.79 20.29
N GLN A 238 -23.65 15.39 19.34
CA GLN A 238 -22.73 16.32 18.69
C GLN A 238 -22.38 15.88 17.29
N TRP A 239 -21.78 16.80 16.52
CA TRP A 239 -21.37 16.48 15.17
C TRP A 239 -19.96 15.92 15.26
N MSE A 240 -19.77 14.72 14.73
CA MSE A 240 -18.47 14.08 14.77
C MSE A 240 -17.83 14.22 13.40
O MSE A 240 -18.49 14.10 12.38
CB MSE A 240 -18.61 12.61 15.13
CG MSE A 240 -19.53 12.33 16.31
SE MSE A 240 -19.00 13.16 17.96
CE MSE A 240 -17.48 12.02 18.40
N TRP A 241 -16.52 14.48 13.38
CA TRP A 241 -15.80 14.60 12.13
C TRP A 241 -15.74 13.20 11.51
N THR A 242 -16.28 13.05 10.30
CA THR A 242 -16.30 11.77 9.61
C THR A 242 -15.93 11.93 8.12
N THR A 243 -14.63 12.03 7.87
CA THR A 243 -14.13 12.20 6.51
C THR A 243 -14.66 11.15 5.53
N PHE A 244 -14.78 9.91 6.00
CA PHE A 244 -15.26 8.86 5.12
C PHE A 244 -16.69 8.43 5.46
N TYR A 245 -16.92 7.15 5.69
CA TYR A 245 -18.28 6.72 6.02
C TYR A 245 -18.69 7.32 7.36
N PRO A 246 -19.98 7.61 7.54
CA PRO A 246 -20.48 8.20 8.78
C PRO A 246 -20.19 7.40 10.06
N TYR A 247 -19.81 6.14 9.92
CA TYR A 247 -19.51 5.31 11.08
C TYR A 247 -18.02 5.21 11.37
N GLN A 248 -17.25 6.09 10.74
CA GLN A 248 -15.81 6.15 10.96
C GLN A 248 -15.57 7.56 11.48
N TRP A 249 -15.25 7.67 12.77
CA TRP A 249 -14.99 8.96 13.39
C TRP A 249 -13.52 9.33 13.37
N ASP A 250 -13.18 10.47 12.77
CA ASP A 250 -11.79 10.89 12.71
C ASP A 250 -11.20 11.10 14.11
N LEU A 251 -10.04 10.48 14.35
CA LEU A 251 -9.36 10.61 15.62
C LEU A 251 -8.77 12.01 15.71
N ASN A 252 -8.70 12.56 16.92
CA ASN A 252 -8.16 13.89 17.14
C ASN A 252 -6.67 13.84 17.49
N TRP A 253 -5.84 13.86 16.46
CA TRP A 253 -4.40 13.79 16.66
C TRP A 253 -3.76 15.01 17.29
N SER A 254 -4.55 16.04 17.59
CA SER A 254 -3.97 17.20 18.24
C SER A 254 -3.92 16.90 19.73
N ASN A 255 -4.55 15.80 20.12
CA ASN A 255 -4.58 15.34 21.51
C ASN A 255 -3.44 14.33 21.67
N PRO A 256 -2.44 14.63 22.53
CA PRO A 256 -1.32 13.71 22.71
C PRO A 256 -1.71 12.30 23.17
N ALA A 257 -2.79 12.19 23.94
CA ALA A 257 -3.24 10.89 24.43
C ALA A 257 -3.56 9.97 23.23
N VAL A 258 -4.04 10.58 22.15
CA VAL A 258 -4.37 9.84 20.94
C VAL A 258 -3.08 9.35 20.29
N PHE A 259 -2.08 10.21 20.20
CA PHE A 259 -0.80 9.81 19.63
C PHE A 259 -0.20 8.70 20.48
N GLY A 260 -0.19 8.90 21.79
CA GLY A 260 0.37 7.91 22.69
C GLY A 260 -0.26 6.54 22.55
N ASP A 261 -1.58 6.47 22.65
CA ASP A 261 -2.29 5.21 22.54
C ASP A 261 -2.17 4.57 21.17
N MSE A 262 -2.12 5.37 20.11
CA MSE A 262 -2.02 4.76 18.79
C MSE A 262 -0.59 4.25 18.55
O MSE A 262 -0.41 3.23 17.86
CB MSE A 262 -2.43 5.75 17.69
CG MSE A 262 -3.94 6.02 17.66
SE MSE A 262 -5.02 4.46 17.29
CE MSE A 262 -4.97 4.51 15.36
N ALA A 263 0.41 4.91 19.12
CA ALA A 263 1.79 4.45 18.95
C ALA A 263 1.94 3.11 19.68
N LEU A 264 1.31 3.00 20.84
CA LEU A 264 1.39 1.76 21.61
C LEU A 264 0.66 0.66 20.82
N ALA A 265 -0.47 1.00 20.21
CA ALA A 265 -1.21 0.02 19.43
C ALA A 265 -0.35 -0.50 18.28
N MSE A 266 0.39 0.40 17.64
CA MSE A 266 1.27 0.03 16.54
C MSE A 266 2.33 -0.96 17.04
O MSE A 266 2.57 -1.99 16.41
CB MSE A 266 1.95 1.27 15.96
CG MSE A 266 2.91 1.00 14.83
SE MSE A 266 3.76 2.64 14.24
CE MSE A 266 4.77 3.02 15.84
N LEU A 267 2.95 -0.64 18.17
CA LEU A 267 3.98 -1.50 18.74
C LEU A 267 3.43 -2.84 19.17
N ARG A 268 2.21 -2.88 19.71
CA ARG A 268 1.65 -4.18 20.11
C ARG A 268 1.48 -5.04 18.87
N LEU A 269 1.06 -4.43 17.77
CA LEU A 269 0.88 -5.17 16.52
C LEU A 269 2.24 -5.66 16.04
N ALA A 270 3.25 -4.82 16.16
CA ALA A 270 4.60 -5.22 15.76
C ALA A 270 5.07 -6.41 16.62
N ASN A 271 4.71 -6.41 17.90
CA ASN A 271 5.11 -7.50 18.78
C ASN A 271 4.36 -8.80 18.46
N LEU A 272 3.26 -8.68 17.72
CA LEU A 272 2.52 -9.86 17.32
C LEU A 272 3.05 -10.39 15.98
N GLY A 273 4.10 -9.75 15.48
CA GLY A 273 4.70 -10.20 14.24
C GLY A 273 4.51 -9.35 12.99
N VAL A 274 3.77 -8.26 13.10
CA VAL A 274 3.56 -7.39 11.94
C VAL A 274 4.87 -6.68 11.62
N GLU A 275 5.33 -6.81 10.39
CA GLU A 275 6.60 -6.21 9.95
C GLU A 275 6.47 -4.96 9.09
N ALA A 276 5.27 -4.70 8.58
CA ALA A 276 5.05 -3.52 7.75
C ALA A 276 3.66 -2.95 8.05
N PHE A 277 3.59 -1.63 8.09
CA PHE A 277 2.33 -0.94 8.38
C PHE A 277 1.86 -0.06 7.23
N ARG A 278 0.68 -0.38 6.70
CA ARG A 278 0.09 0.41 5.64
C ARG A 278 -0.67 1.50 6.42
N LEU A 279 -0.10 2.70 6.43
CA LEU A 279 -0.68 3.82 7.17
C LEU A 279 -1.80 4.47 6.38
N ASP A 280 -3.02 4.03 6.66
CA ASP A 280 -4.21 4.49 5.95
C ASP A 280 -4.69 5.91 6.22
N SER A 281 -5.04 6.60 5.12
CA SER A 281 -5.56 7.96 5.15
C SER A 281 -4.74 8.97 5.95
N THR A 282 -3.41 8.90 5.84
CA THR A 282 -2.54 9.81 6.59
C THR A 282 -2.67 11.28 6.20
N ALA A 283 -3.11 11.54 4.98
CA ALA A 283 -3.26 12.91 4.51
C ALA A 283 -4.20 13.73 5.38
N TYR A 284 -5.18 13.07 5.99
CA TYR A 284 -6.16 13.76 6.82
C TYR A 284 -5.86 13.81 8.31
N LEU A 285 -4.71 13.29 8.73
CA LEU A 285 -4.38 13.26 10.15
C LEU A 285 -4.49 14.59 10.90
N TRP A 286 -4.09 15.70 10.28
CA TRP A 286 -4.15 16.99 10.97
C TRP A 286 -5.24 17.92 10.44
N LYS A 287 -5.95 18.55 11.36
CA LYS A 287 -7.03 19.47 11.02
C LYS A 287 -6.66 20.91 11.38
N ARG A 288 -6.82 21.81 10.41
CA ARG A 288 -6.53 23.23 10.63
C ARG A 288 -7.55 24.08 9.89
N ILE A 289 -8.29 24.90 10.64
CA ILE A 289 -9.30 25.75 10.04
C ILE A 289 -8.64 26.70 9.05
N GLY A 290 -9.29 26.89 7.90
CA GLY A 290 -8.75 27.78 6.88
C GLY A 290 -8.06 27.01 5.78
N THR A 291 -7.65 25.77 6.09
CA THR A 291 -6.96 24.93 5.11
C THR A 291 -7.88 23.81 4.65
N ASP A 292 -7.37 22.96 3.76
CA ASP A 292 -8.13 21.84 3.25
C ASP A 292 -7.97 20.64 4.18
N CYS A 293 -7.25 20.84 5.27
CA CYS A 293 -7.01 19.79 6.25
C CYS A 293 -6.47 18.51 5.61
N MSE A 294 -5.63 18.67 4.60
CA MSE A 294 -5.02 17.54 3.91
C MSE A 294 -3.52 17.77 3.70
O MSE A 294 -3.07 18.90 3.51
CB MSE A 294 -5.66 17.31 2.54
CG MSE A 294 -6.90 16.44 2.55
SE MSE A 294 -7.32 15.82 0.76
CE MSE A 294 -6.20 14.25 0.71
N ASN A 295 -2.75 16.67 3.75
CA ASN A 295 -1.31 16.73 3.56
C ASN A 295 -0.66 17.88 4.34
N GLN A 296 -1.19 18.14 5.53
CA GLN A 296 -0.66 19.22 6.36
C GLN A 296 0.72 18.86 6.91
N SER A 297 1.52 19.90 7.15
CA SER A 297 2.87 19.72 7.68
C SER A 297 2.86 18.82 8.92
N GLU A 298 1.91 19.08 9.81
CA GLU A 298 1.80 18.31 11.05
C GLU A 298 1.53 16.83 10.84
N ALA A 299 0.90 16.49 9.72
CA ALA A 299 0.62 15.07 9.43
C ALA A 299 1.94 14.36 9.21
N HIS A 300 2.87 15.04 8.54
CA HIS A 300 4.18 14.44 8.29
C HIS A 300 4.96 14.37 9.59
N THR A 301 4.77 15.36 10.46
CA THR A 301 5.47 15.38 11.74
C THR A 301 4.99 14.18 12.58
N LEU A 302 3.71 13.84 12.47
CA LEU A 302 3.17 12.69 13.19
C LEU A 302 3.85 11.42 12.69
N LEU A 303 3.98 11.30 11.38
CA LEU A 303 4.62 10.12 10.80
C LEU A 303 6.10 10.06 11.18
N VAL A 304 6.75 11.22 11.29
CA VAL A 304 8.17 11.24 11.70
C VAL A 304 8.26 10.71 13.12
N ALA A 305 7.34 11.15 13.98
CA ALA A 305 7.32 10.70 15.37
C ALA A 305 7.07 9.20 15.45
N LEU A 306 6.12 8.70 14.68
CA LEU A 306 5.83 7.27 14.68
C LEU A 306 7.03 6.48 14.16
N ARG A 307 7.68 6.99 13.11
CA ARG A 307 8.87 6.32 12.56
C ARG A 307 9.96 6.25 13.63
N ALA A 308 10.20 7.36 14.34
CA ALA A 308 11.23 7.38 15.38
C ALA A 308 10.95 6.32 16.45
N VAL A 309 9.68 6.15 16.79
CA VAL A 309 9.30 5.14 17.78
C VAL A 309 9.70 3.75 17.29
N THR A 310 9.47 3.46 16.01
CA THR A 310 9.85 2.14 15.49
C THR A 310 11.37 1.99 15.41
N ASP A 311 12.06 3.08 15.07
CA ASP A 311 13.52 3.04 14.97
C ASP A 311 14.10 2.62 16.31
N ILE A 312 13.43 3.03 17.39
CA ILE A 312 13.90 2.71 18.72
C ILE A 312 13.49 1.31 19.17
N VAL A 313 12.19 1.08 19.16
CA VAL A 313 11.62 -0.18 19.64
C VAL A 313 11.58 -1.41 18.73
N ALA A 314 11.35 -1.20 17.44
CA ALA A 314 11.24 -2.33 16.51
C ALA A 314 11.73 -1.92 15.12
N PRO A 315 13.04 -1.65 14.98
CA PRO A 315 13.60 -1.24 13.70
C PRO A 315 13.48 -2.21 12.52
N ALA A 316 13.03 -3.43 12.77
CA ALA A 316 12.86 -4.40 11.68
C ALA A 316 11.62 -4.04 10.86
N VAL A 317 10.75 -3.24 11.47
CA VAL A 317 9.49 -2.83 10.85
C VAL A 317 9.59 -1.68 9.85
N VAL A 318 8.69 -1.66 8.87
CA VAL A 318 8.68 -0.57 7.90
C VAL A 318 7.33 0.13 7.91
N MSE A 319 7.36 1.42 7.60
CA MSE A 319 6.19 2.28 7.54
C MSE A 319 5.88 2.51 6.08
O MSE A 319 6.74 2.94 5.31
CB MSE A 319 6.47 3.64 8.18
CG MSE A 319 7.18 3.56 9.51
SE MSE A 319 6.05 4.21 10.91
CE MSE A 319 5.92 6.05 10.38
N LYS A 320 4.64 2.24 5.67
CA LYS A 320 4.25 2.40 4.28
C LYS A 320 3.13 3.43 4.14
N ALA A 321 3.33 4.42 3.29
CA ALA A 321 2.32 5.44 3.11
C ALA A 321 1.20 4.98 2.19
N GLU A 322 -0.03 5.06 2.69
CA GLU A 322 -1.20 4.71 1.90
C GLU A 322 -1.78 6.06 1.53
N ALA A 323 -1.25 6.64 0.45
CA ALA A 323 -1.71 7.93 0.00
C ALA A 323 -1.83 7.89 -1.52
N ILE A 324 -3.02 7.52 -1.98
CA ILE A 324 -3.28 7.44 -3.41
C ILE A 324 -3.34 8.85 -3.97
N VAL A 325 -2.18 9.35 -4.40
CA VAL A 325 -2.08 10.70 -4.96
C VAL A 325 -1.06 10.69 -6.10
N PRO A 326 -0.96 11.80 -6.85
CA PRO A 326 0.00 11.86 -7.94
C PRO A 326 1.42 11.79 -7.37
N MSE A 327 2.33 11.09 -8.05
CA MSE A 327 3.70 10.93 -7.59
C MSE A 327 4.42 12.22 -7.21
O MSE A 327 5.47 12.18 -6.55
CB MSE A 327 4.53 10.17 -8.64
CG MSE A 327 4.62 10.84 -9.99
SE MSE A 327 5.67 9.82 -11.26
CE MSE A 327 5.82 11.15 -12.67
N THR A 328 3.88 13.37 -7.60
CA THR A 328 4.50 14.64 -7.28
C THR A 328 4.22 15.04 -5.83
N GLN A 329 3.23 14.40 -5.23
CA GLN A 329 2.85 14.69 -3.85
C GLN A 329 3.30 13.56 -2.92
N LEU A 330 4.13 12.65 -3.45
CA LEU A 330 4.60 11.53 -2.65
C LEU A 330 5.94 11.72 -1.94
N PRO A 331 6.89 12.46 -2.55
CA PRO A 331 8.19 12.66 -1.90
C PRO A 331 8.10 13.04 -0.42
N PRO A 332 7.20 13.99 -0.07
CA PRO A 332 7.04 14.41 1.32
C PRO A 332 6.87 13.24 2.30
N TYR A 333 6.24 12.16 1.86
CA TYR A 333 6.03 11.02 2.74
C TYR A 333 7.33 10.30 3.11
N PHE A 334 8.38 10.47 2.30
CA PHE A 334 9.66 9.85 2.61
C PHE A 334 10.42 10.78 3.55
N GLY A 335 9.79 11.91 3.85
CA GLY A 335 10.41 12.89 4.73
C GLY A 335 10.93 14.05 3.91
N SER A 336 10.61 15.26 4.34
CA SER A 336 11.07 16.45 3.63
C SER A 336 12.19 17.14 4.39
N GLY A 337 13.06 17.82 3.64
CA GLY A 337 14.16 18.54 4.24
C GLY A 337 15.01 17.73 5.20
N VAL A 338 15.17 18.25 6.41
CA VAL A 338 15.98 17.61 7.43
C VAL A 338 15.47 16.24 7.85
N ASP A 339 14.19 15.96 7.55
CA ASP A 339 13.64 14.68 7.93
C ASP A 339 13.55 13.65 6.80
N GLU A 340 14.19 13.94 5.67
CA GLU A 340 14.16 12.98 4.58
C GLU A 340 14.87 11.71 5.06
N GLY A 341 14.23 10.57 4.85
CA GLY A 341 14.79 9.31 5.28
C GLY A 341 14.37 8.96 6.69
N HIS A 342 13.62 9.86 7.33
CA HIS A 342 13.15 9.64 8.69
C HIS A 342 11.62 9.61 8.81
N GLU A 343 10.94 9.14 7.77
CA GLU A 343 9.48 9.05 7.80
C GLU A 343 9.07 7.68 7.26
N CYS A 344 8.32 7.64 6.15
CA CYS A 344 7.89 6.35 5.59
C CYS A 344 8.99 5.74 4.74
N HIS A 345 9.09 4.41 4.79
CA HIS A 345 10.09 3.69 4.00
C HIS A 345 9.56 3.43 2.60
N LEU A 346 8.25 3.23 2.52
CA LEU A 346 7.58 2.91 1.26
C LEU A 346 6.38 3.77 0.95
N ALA A 347 6.08 3.91 -0.35
CA ALA A 347 4.93 4.65 -0.82
C ALA A 347 4.44 3.94 -2.09
N TYR A 348 3.13 3.95 -2.30
CA TYR A 348 2.54 3.30 -3.47
C TYR A 348 2.67 4.13 -4.72
N HIS A 349 3.19 3.53 -5.79
CA HIS A 349 3.35 4.24 -7.04
C HIS A 349 2.08 4.08 -7.86
N SER A 350 1.02 4.76 -7.44
CA SER A 350 -0.28 4.69 -8.11
C SER A 350 -0.26 5.31 -9.51
N THR A 351 0.56 6.35 -9.70
CA THR A 351 0.66 6.97 -11.00
C THR A 351 1.11 5.92 -12.02
N LEU A 352 2.12 5.14 -11.65
CA LEU A 352 2.64 4.10 -12.54
C LEU A 352 1.54 3.07 -12.83
N MSE A 353 0.84 2.64 -11.78
CA MSE A 353 -0.22 1.66 -11.94
C MSE A 353 -1.28 2.14 -12.94
O MSE A 353 -1.60 1.43 -13.89
CB MSE A 353 -0.86 1.38 -10.57
CG MSE A 353 -1.99 0.36 -10.59
SE MSE A 353 -3.70 1.11 -11.18
CE MSE A 353 -3.87 2.51 -9.85
N ALA A 354 -1.80 3.35 -12.74
CA ALA A 354 -2.82 3.90 -13.62
C ALA A 354 -2.25 4.15 -15.02
N ALA A 355 -0.99 4.54 -15.09
CA ALA A 355 -0.35 4.80 -16.37
C ALA A 355 -0.20 3.50 -17.16
N GLY A 356 0.07 2.41 -16.46
CA GLY A 356 0.20 1.13 -17.12
C GLY A 356 -1.07 0.79 -17.90
N TRP A 357 -2.21 0.89 -17.24
CA TRP A 357 -3.49 0.58 -17.89
C TRP A 357 -3.84 1.56 -18.99
N SER A 358 -3.54 2.84 -18.78
CA SER A 358 -3.82 3.85 -19.79
C SER A 358 -2.98 3.55 -21.02
N ALA A 359 -1.69 3.29 -20.81
CA ALA A 359 -0.78 2.97 -21.90
C ALA A 359 -1.28 1.76 -22.69
N LEU A 360 -1.80 0.76 -22.00
CA LEU A 360 -2.30 -0.45 -22.63
C LEU A 360 -3.51 -0.14 -23.51
N ALA A 361 -4.49 0.55 -22.92
CA ALA A 361 -5.71 0.89 -23.66
C ALA A 361 -5.43 1.79 -24.86
N LEU A 362 -4.50 2.71 -24.72
CA LEU A 362 -4.18 3.65 -25.79
C LEU A 362 -3.03 3.21 -26.69
N GLN A 363 -2.38 2.10 -26.34
CA GLN A 363 -1.24 1.56 -27.07
C GLN A 363 -0.19 2.65 -27.17
N ARG A 364 0.08 3.27 -26.03
CA ARG A 364 1.03 4.37 -25.94
C ARG A 364 2.07 4.20 -24.84
N GLY A 365 3.26 3.77 -25.23
CA GLY A 365 4.33 3.61 -24.28
C GLY A 365 4.90 4.95 -23.86
N ASP A 366 4.64 6.00 -24.63
CA ASP A 366 5.16 7.33 -24.30
C ASP A 366 4.59 7.87 -22.99
N ILE A 367 3.44 7.34 -22.58
CA ILE A 367 2.83 7.74 -21.31
C ILE A 367 3.67 7.20 -20.16
N LEU A 368 4.19 5.98 -20.32
CA LEU A 368 5.02 5.40 -19.26
C LEU A 368 6.38 6.08 -19.22
N HIS A 369 6.91 6.45 -20.39
CA HIS A 369 8.18 7.15 -20.40
C HIS A 369 8.01 8.41 -19.57
N ASN A 370 6.88 9.09 -19.78
CA ASN A 370 6.59 10.32 -19.07
C ASN A 370 6.58 10.11 -17.56
N VAL A 371 5.89 9.06 -17.12
CA VAL A 371 5.81 8.78 -15.69
C VAL A 371 7.18 8.44 -15.09
N ILE A 372 7.90 7.52 -15.71
CA ILE A 372 9.21 7.14 -15.18
C ILE A 372 10.23 8.27 -15.32
N ALA A 373 10.21 8.96 -16.46
CA ALA A 373 11.14 10.06 -16.68
C ALA A 373 11.00 11.14 -15.60
N HIS A 374 9.80 11.22 -15.02
CA HIS A 374 9.54 12.22 -13.99
C HIS A 374 9.39 11.66 -12.59
N SER A 375 9.56 10.35 -12.43
CA SER A 375 9.43 9.73 -11.12
C SER A 375 10.51 10.28 -10.18
N PRO A 376 10.10 10.87 -9.05
CA PRO A 376 11.08 11.43 -8.11
C PRO A 376 12.06 10.35 -7.66
N PRO A 377 13.37 10.67 -7.68
CA PRO A 377 14.37 9.69 -7.26
C PRO A 377 14.16 9.33 -5.79
N LEU A 378 14.24 8.03 -5.50
CA LEU A 378 14.03 7.53 -4.14
C LEU A 378 15.09 7.93 -3.14
N PRO A 379 14.68 8.42 -1.97
CA PRO A 379 15.68 8.80 -0.97
C PRO A 379 16.34 7.51 -0.50
N ARG A 380 17.49 7.63 0.16
CA ARG A 380 18.20 6.45 0.64
C ARG A 380 17.28 5.63 1.56
N HIS A 381 17.31 4.32 1.40
CA HIS A 381 16.50 3.41 2.21
C HIS A 381 14.99 3.58 2.08
N CYS A 382 14.55 4.02 0.91
CA CYS A 382 13.13 4.21 0.62
C CYS A 382 12.88 3.53 -0.70
N ALA A 383 11.65 3.07 -0.93
CA ALA A 383 11.33 2.39 -2.18
C ALA A 383 9.85 2.50 -2.51
N TRP A 384 9.46 2.02 -3.69
CA TRP A 384 8.08 2.06 -4.11
C TRP A 384 7.42 0.70 -3.95
N LEU A 385 6.10 0.73 -3.90
CA LEU A 385 5.29 -0.47 -3.86
C LEU A 385 4.67 -0.31 -5.25
N SER A 386 4.94 -1.25 -6.16
CA SER A 386 4.38 -1.18 -7.50
C SER A 386 3.30 -2.24 -7.63
N TYR A 387 2.20 -1.90 -8.29
CA TYR A 387 1.11 -2.85 -8.43
C TYR A 387 0.31 -2.65 -9.71
N VAL A 388 -0.49 -3.65 -10.05
CA VAL A 388 -1.33 -3.61 -11.24
C VAL A 388 -2.79 -3.42 -10.81
N ARG A 389 -3.21 -4.18 -9.79
CA ARG A 389 -4.56 -4.03 -9.24
C ARG A 389 -4.50 -4.17 -7.73
N CYS A 390 -5.65 -3.94 -7.08
CA CYS A 390 -5.77 -4.06 -5.64
C CYS A 390 -7.25 -4.20 -5.31
N HIS A 391 -7.57 -4.16 -4.02
CA HIS A 391 -8.94 -4.31 -3.56
C HIS A 391 -9.88 -3.16 -3.90
N ASP A 392 -9.32 -2.04 -4.35
CA ASP A 392 -10.13 -0.88 -4.71
C ASP A 392 -10.27 -0.72 -6.22
N ASP A 393 -11.11 0.24 -6.61
CA ASP A 393 -11.33 0.57 -8.00
C ASP A 393 -10.07 1.30 -8.47
N ILE A 394 -9.80 1.29 -9.78
CA ILE A 394 -8.65 2.01 -10.31
C ILE A 394 -9.02 3.50 -10.33
N GLY A 395 -8.25 4.33 -9.62
CA GLY A 395 -8.52 5.76 -9.59
C GLY A 395 -7.75 6.47 -10.69
N TRP A 396 -8.43 6.77 -11.79
CA TRP A 396 -7.80 7.43 -12.93
C TRP A 396 -7.35 8.87 -12.66
N ASN A 397 -8.04 9.56 -11.76
CA ASN A 397 -7.73 10.94 -11.45
C ASN A 397 -6.29 11.23 -11.05
N VAL A 398 -5.58 10.22 -10.53
CA VAL A 398 -4.19 10.45 -10.14
C VAL A 398 -3.36 10.86 -11.34
N LEU A 399 -3.83 10.51 -12.55
CA LEU A 399 -3.12 10.83 -13.79
C LEU A 399 -3.53 12.14 -14.43
N GLN A 400 -4.32 12.94 -13.72
CA GLN A 400 -4.78 14.22 -14.24
C GLN A 400 -3.67 15.05 -14.86
N HIS A 401 -2.56 15.23 -14.13
CA HIS A 401 -1.44 16.02 -14.62
C HIS A 401 -0.83 15.47 -15.90
N GLU A 402 -0.47 14.19 -15.88
CA GLU A 402 0.13 13.54 -17.04
C GLU A 402 -0.80 13.59 -18.26
N ALA A 403 -2.10 13.43 -18.02
CA ALA A 403 -3.08 13.44 -19.09
C ALA A 403 -3.13 14.77 -19.87
N CYS A 404 -2.62 15.84 -19.27
CA CYS A 404 -2.60 17.14 -19.94
C CYS A 404 -1.47 17.16 -20.95
N GLY A 405 -0.55 16.21 -20.81
CA GLY A 405 0.57 16.12 -21.72
C GLY A 405 1.70 17.11 -21.46
N ASN A 406 2.78 16.94 -22.19
CA ASN A 406 3.94 17.83 -22.08
C ASN A 406 4.68 17.84 -23.42
N ALA A 407 5.91 18.36 -23.42
CA ALA A 407 6.68 18.47 -24.66
C ALA A 407 6.93 17.16 -25.39
N ALA A 408 7.08 16.07 -24.64
CA ALA A 408 7.36 14.78 -25.25
C ALA A 408 6.14 13.88 -25.43
N GLN A 409 5.15 14.04 -24.56
CA GLN A 409 3.96 13.20 -24.64
C GLN A 409 2.68 14.00 -24.88
N PRO A 410 2.00 13.75 -26.02
CA PRO A 410 0.76 14.48 -26.32
C PRO A 410 -0.28 14.14 -25.25
N PRO A 411 -1.31 14.97 -25.09
CA PRO A 411 -2.34 14.69 -24.07
C PRO A 411 -3.11 13.40 -24.38
N PHE A 412 -3.78 12.87 -23.36
CA PHE A 412 -4.62 11.70 -23.56
C PHE A 412 -5.90 11.87 -22.73
N SER A 413 -6.93 11.09 -23.07
CA SER A 413 -8.23 11.20 -22.42
C SER A 413 -8.50 10.16 -21.35
N LEU A 414 -8.51 10.60 -20.08
CA LEU A 414 -8.79 9.70 -18.98
C LEU A 414 -10.24 9.24 -19.07
N ARG A 415 -11.10 10.08 -19.63
CA ARG A 415 -12.50 9.71 -19.77
C ARG A 415 -12.59 8.55 -20.75
N ASP A 416 -11.83 8.65 -21.84
CA ASP A 416 -11.83 7.59 -22.86
C ASP A 416 -11.25 6.30 -22.28
N VAL A 417 -10.21 6.43 -21.45
CA VAL A 417 -9.59 5.26 -20.85
C VAL A 417 -10.58 4.54 -19.94
N ALA A 418 -11.30 5.31 -19.12
CA ALA A 418 -12.27 4.74 -18.19
C ALA A 418 -13.43 4.11 -18.96
N ARG A 419 -13.84 4.74 -20.06
CA ARG A 419 -14.93 4.20 -20.87
C ARG A 419 -14.49 2.89 -21.52
N PHE A 420 -13.23 2.83 -21.93
CA PHE A 420 -12.70 1.62 -22.55
C PHE A 420 -12.75 0.45 -21.58
N TYR A 421 -12.28 0.67 -20.36
CA TYR A 421 -12.26 -0.41 -19.38
C TYR A 421 -13.63 -0.80 -18.83
N ALA A 422 -14.61 0.08 -19.01
CA ALA A 422 -15.97 -0.21 -18.55
C ALA A 422 -16.73 -0.85 -19.71
N ASN A 423 -16.02 -1.06 -20.81
CA ASN A 423 -16.60 -1.64 -22.02
C ASN A 423 -17.81 -0.81 -22.44
N ALA A 424 -17.67 0.50 -22.33
CA ALA A 424 -18.73 1.43 -22.69
C ALA A 424 -18.53 1.93 -24.11
N VAL A 425 -17.51 1.40 -24.77
CA VAL A 425 -17.20 1.77 -26.15
C VAL A 425 -17.06 0.52 -27.02
N PRO A 426 -17.64 0.56 -28.22
CA PRO A 426 -17.65 -0.51 -29.21
C PRO A 426 -16.63 -1.66 -29.15
N GLY A 427 -15.45 -1.46 -29.72
CA GLY A 427 -14.47 -2.54 -29.75
C GLY A 427 -13.54 -2.82 -28.57
N SER A 428 -14.04 -2.71 -27.35
CA SER A 428 -13.21 -2.97 -26.17
C SER A 428 -13.15 -4.44 -25.76
N TYR A 429 -11.96 -4.88 -25.36
CA TYR A 429 -11.78 -6.25 -24.90
C TYR A 429 -11.84 -6.30 -23.38
N ALA A 430 -12.05 -5.14 -22.77
CA ALA A 430 -12.11 -5.03 -21.32
C ALA A 430 -13.50 -5.31 -20.78
N ARG A 431 -13.55 -5.87 -19.58
CA ARG A 431 -14.83 -6.18 -18.94
C ARG A 431 -14.86 -5.68 -17.50
N GLY A 432 -14.54 -4.40 -17.33
CA GLY A 432 -14.57 -3.80 -16.02
C GLY A 432 -15.91 -3.09 -15.88
N GLU A 433 -16.12 -2.43 -14.75
CA GLU A 433 -17.36 -1.70 -14.50
C GLU A 433 -17.08 -0.37 -13.82
N SER A 434 -17.70 0.69 -14.31
CA SER A 434 -17.51 2.01 -13.73
C SER A 434 -17.98 1.97 -12.28
N PHE A 435 -17.24 2.59 -11.38
CA PHE A 435 -17.59 2.59 -9.97
C PHE A 435 -18.36 3.85 -9.56
N GLY A 441 -14.85 14.10 -10.88
CA GLY A 441 -14.07 13.90 -12.08
C GLY A 441 -14.41 12.59 -12.77
N VAL A 442 -13.38 11.90 -13.24
CA VAL A 442 -13.58 10.62 -13.92
C VAL A 442 -13.80 9.51 -12.90
N HIS A 443 -14.89 8.76 -13.07
CA HIS A 443 -15.20 7.67 -12.15
C HIS A 443 -14.23 6.50 -12.29
N GLY A 444 -13.90 5.88 -11.16
CA GLY A 444 -12.98 4.77 -11.15
C GLY A 444 -13.52 3.53 -11.82
N THR A 445 -12.66 2.53 -12.00
CA THR A 445 -13.06 1.29 -12.64
C THR A 445 -12.85 0.07 -11.75
N ASN A 446 -13.90 -0.73 -11.61
CA ASN A 446 -13.83 -1.97 -10.83
C ASN A 446 -13.56 -3.09 -11.81
N GLY A 447 -13.04 -4.20 -11.30
CA GLY A 447 -12.75 -5.32 -12.17
C GLY A 447 -11.37 -5.87 -11.93
N MSE A 448 -11.21 -7.14 -12.23
CA MSE A 448 -9.93 -7.81 -12.05
C MSE A 448 -8.99 -7.57 -13.22
O MSE A 448 -9.42 -7.24 -14.32
CB MSE A 448 -10.17 -9.30 -11.86
CG MSE A 448 -9.23 -9.88 -10.90
SE MSE A 448 -9.84 -9.85 -9.09
CE MSE A 448 -8.91 -11.49 -8.69
N ALA A 449 -7.70 -7.76 -12.97
CA ALA A 449 -6.69 -7.56 -14.03
C ALA A 449 -6.98 -8.41 -15.27
N ALA A 450 -7.30 -9.68 -15.08
CA ALA A 450 -7.59 -10.56 -16.23
C ALA A 450 -8.83 -10.08 -16.99
N ALA A 451 -9.80 -9.52 -16.26
CA ALA A 451 -11.02 -9.03 -16.87
C ALA A 451 -10.72 -7.76 -17.66
N LEU A 452 -9.85 -6.92 -17.10
CA LEU A 452 -9.50 -5.67 -17.77
C LEU A 452 -8.54 -5.88 -18.94
N ALA A 453 -7.69 -6.91 -18.85
CA ALA A 453 -6.70 -7.16 -19.89
C ALA A 453 -7.23 -7.89 -21.13
N GLY A 454 -8.47 -8.37 -21.07
CA GLY A 454 -9.04 -9.07 -22.21
C GLY A 454 -9.17 -10.58 -22.05
N ILE A 455 -8.66 -11.13 -20.96
CA ILE A 455 -8.73 -12.56 -20.74
C ILE A 455 -10.18 -13.03 -20.54
N GLN A 456 -10.96 -12.26 -19.79
CA GLN A 456 -12.35 -12.67 -19.55
C GLN A 456 -13.12 -12.68 -20.87
N ALA A 457 -13.02 -11.59 -21.63
CA ALA A 457 -13.71 -11.48 -22.91
C ALA A 457 -13.33 -12.61 -23.88
N ALA A 458 -12.05 -12.97 -23.89
CA ALA A 458 -11.57 -14.02 -24.77
C ALA A 458 -12.11 -15.39 -24.37
N GLN A 459 -12.34 -15.59 -23.07
CA GLN A 459 -12.87 -16.85 -22.58
C GLN A 459 -14.38 -16.94 -22.86
N GLU A 460 -15.06 -15.81 -22.73
CA GLU A 460 -16.51 -15.78 -22.97
C GLU A 460 -16.82 -15.98 -24.45
N ALA A 461 -15.85 -15.66 -25.30
CA ALA A 461 -16.03 -15.80 -26.75
C ALA A 461 -15.33 -17.05 -27.28
N GLY A 462 -14.68 -17.79 -26.40
CA GLY A 462 -13.98 -19.00 -26.83
C GLY A 462 -12.96 -18.72 -27.92
N ASP A 463 -12.41 -17.51 -27.91
CA ASP A 463 -11.42 -17.10 -28.89
C ASP A 463 -10.01 -17.39 -28.38
N ALA A 464 -9.42 -18.49 -28.84
CA ALA A 464 -8.08 -18.90 -28.42
C ALA A 464 -6.97 -17.90 -28.78
N ALA A 465 -7.10 -17.25 -29.93
CA ALA A 465 -6.09 -16.29 -30.36
C ALA A 465 -6.13 -15.04 -29.49
N ALA A 466 -7.34 -14.53 -29.26
CA ALA A 466 -7.53 -13.34 -28.44
C ALA A 466 -7.08 -13.60 -27.01
N LEU A 467 -7.20 -14.85 -26.57
CA LEU A 467 -6.81 -15.21 -25.20
C LEU A 467 -5.30 -15.12 -25.04
N ALA A 468 -4.56 -15.69 -25.97
CA ALA A 468 -3.10 -15.65 -25.91
C ALA A 468 -2.63 -14.20 -25.88
N VAL A 469 -3.27 -13.35 -26.68
CA VAL A 469 -2.89 -11.94 -26.71
C VAL A 469 -3.23 -11.27 -25.38
N ALA A 470 -4.36 -11.65 -24.80
CA ALA A 470 -4.79 -11.10 -23.52
C ALA A 470 -3.77 -11.49 -22.45
N VAL A 471 -3.26 -12.71 -22.53
CA VAL A 471 -2.28 -13.17 -21.57
C VAL A 471 -1.04 -12.27 -21.69
N ASP A 472 -0.64 -11.95 -22.91
CA ASP A 472 0.51 -11.08 -23.13
C ASP A 472 0.31 -9.72 -22.46
N ARG A 473 -0.88 -9.16 -22.60
CA ARG A 473 -1.17 -7.86 -21.99
C ARG A 473 -1.04 -7.92 -20.48
N LEU A 474 -1.61 -8.96 -19.87
CA LEU A 474 -1.54 -9.09 -18.41
C LEU A 474 -0.10 -9.19 -17.93
N VAL A 475 0.69 -10.02 -18.60
CA VAL A 475 2.10 -10.22 -18.22
C VAL A 475 2.90 -8.94 -18.39
N LEU A 476 2.61 -8.22 -19.46
CA LEU A 476 3.29 -6.96 -19.77
C LEU A 476 3.16 -5.97 -18.60
N LEU A 477 1.94 -5.83 -18.09
CA LEU A 477 1.70 -4.91 -16.98
C LEU A 477 2.43 -5.34 -15.71
N TYR A 478 2.49 -6.65 -15.47
CA TYR A 478 3.20 -7.13 -14.29
C TYR A 478 4.72 -7.03 -14.47
N ALA A 479 5.19 -7.21 -15.71
CA ALA A 479 6.62 -7.12 -15.97
C ALA A 479 7.11 -5.73 -15.59
N ILE A 480 6.29 -4.72 -15.85
CA ILE A 480 6.63 -3.35 -15.51
C ILE A 480 6.78 -3.19 -14.00
N ALA A 481 5.81 -3.70 -13.25
CA ALA A 481 5.85 -3.62 -11.79
C ALA A 481 7.08 -4.35 -11.25
N LEU A 482 7.37 -5.50 -11.84
CA LEU A 482 8.50 -6.32 -11.41
C LEU A 482 9.89 -5.73 -11.65
N ALA A 483 10.01 -4.77 -12.56
CA ALA A 483 11.31 -4.16 -12.84
C ALA A 483 11.57 -2.92 -11.96
N MSE A 484 10.59 -2.54 -11.15
CA MSE A 484 10.71 -1.36 -10.30
C MSE A 484 11.50 -1.54 -9.01
O MSE A 484 11.66 -2.65 -8.51
CB MSE A 484 9.31 -0.84 -9.95
CG MSE A 484 8.51 -0.31 -11.13
SE MSE A 484 9.25 1.32 -11.83
CE MSE A 484 8.65 2.51 -10.42
N PRO A 485 12.01 -0.43 -8.44
CA PRO A 485 12.78 -0.45 -7.19
C PRO A 485 11.83 -0.47 -5.99
N GLY A 486 11.78 -1.60 -5.29
CA GLY A 486 10.90 -1.70 -4.13
C GLY A 486 10.19 -3.05 -4.12
N VAL A 487 8.92 -3.03 -3.74
CA VAL A 487 8.14 -4.27 -3.66
C VAL A 487 7.00 -4.37 -4.67
N PRO A 488 7.13 -5.30 -5.64
CA PRO A 488 6.08 -5.49 -6.64
C PRO A 488 5.01 -6.31 -5.93
N LEU A 489 3.77 -5.82 -5.94
CA LEU A 489 2.68 -6.47 -5.24
C LEU A 489 1.63 -7.12 -6.15
N ILE A 490 1.55 -8.45 -6.10
CA ILE A 490 0.58 -9.20 -6.89
C ILE A 490 -0.74 -9.19 -6.12
N TYR A 491 -1.85 -8.95 -6.82
CA TYR A 491 -3.17 -8.96 -6.19
C TYR A 491 -3.68 -10.39 -6.32
N MSE A 492 -4.13 -10.96 -5.19
CA MSE A 492 -4.59 -12.35 -5.13
C MSE A 492 -5.38 -12.86 -6.33
O MSE A 492 -6.44 -12.34 -6.65
CB MSE A 492 -5.43 -12.58 -3.88
CG MSE A 492 -5.63 -14.05 -3.57
SE MSE A 492 -7.32 -14.42 -2.69
CE MSE A 492 -8.43 -14.39 -4.27
N GLY A 493 -4.87 -13.90 -6.97
CA GLY A 493 -5.58 -14.47 -8.10
C GLY A 493 -5.10 -14.02 -9.47
N ASP A 494 -4.33 -12.93 -9.52
CA ASP A 494 -3.83 -12.46 -10.79
C ASP A 494 -2.83 -13.46 -11.36
N GLU A 495 -2.11 -14.17 -10.48
CA GLU A 495 -1.14 -15.15 -10.91
C GLU A 495 -1.81 -16.37 -11.55
N LEU A 496 -3.13 -16.42 -11.46
CA LEU A 496 -3.91 -17.52 -12.04
C LEU A 496 -4.90 -16.93 -13.04
N ALA A 497 -4.77 -15.64 -13.28
CA ALA A 497 -5.67 -14.93 -14.20
C ALA A 497 -7.13 -15.07 -13.82
N MSE A 498 -7.44 -15.02 -12.52
CA MSE A 498 -8.83 -15.13 -12.09
C MSE A 498 -9.60 -13.93 -12.65
O MSE A 498 -9.06 -12.82 -12.72
CB MSE A 498 -8.93 -15.16 -10.57
CG MSE A 498 -8.40 -16.44 -9.94
SE MSE A 498 -8.77 -16.46 -8.03
CE MSE A 498 -10.68 -16.69 -8.12
N VAL A 499 -10.86 -14.14 -13.03
CA VAL A 499 -11.66 -13.06 -13.58
C VAL A 499 -12.68 -12.50 -12.59
N ASN A 500 -13.58 -11.64 -13.05
CA ASN A 500 -14.57 -11.01 -12.19
C ASN A 500 -15.49 -11.97 -11.46
N ASP A 501 -15.99 -11.53 -10.31
CA ASP A 501 -16.92 -12.30 -9.50
C ASP A 501 -18.19 -11.47 -9.39
N PRO A 502 -19.21 -11.77 -10.21
CA PRO A 502 -20.48 -11.04 -10.19
C PRO A 502 -21.43 -11.51 -9.08
N GLY A 503 -20.96 -12.45 -8.28
CA GLY A 503 -21.77 -12.99 -7.20
C GLY A 503 -22.34 -12.00 -6.20
N TYR A 504 -21.62 -10.91 -5.95
CA TYR A 504 -22.09 -9.91 -4.99
C TYR A 504 -23.41 -9.31 -5.46
N ARG A 505 -23.66 -9.38 -6.76
CA ARG A 505 -24.87 -8.84 -7.35
C ARG A 505 -26.07 -9.58 -6.76
N ASP A 506 -25.96 -10.91 -6.71
CA ASP A 506 -27.02 -11.74 -6.14
C ASP A 506 -26.66 -11.98 -4.68
N ASP A 507 -26.68 -10.91 -3.89
CA ASP A 507 -26.35 -11.00 -2.48
C ASP A 507 -27.08 -9.96 -1.65
N PRO A 508 -27.39 -10.29 -0.38
CA PRO A 508 -28.10 -9.37 0.51
C PRO A 508 -27.42 -8.01 0.66
N HIS A 509 -26.45 -7.94 1.57
CA HIS A 509 -25.73 -6.70 1.82
C HIS A 509 -24.35 -6.63 1.17
N ARG A 510 -24.35 -6.65 -0.16
CA ARG A 510 -23.12 -6.59 -0.95
C ARG A 510 -23.36 -6.01 -2.33
N GLN A 511 -24.60 -6.04 -2.79
CA GLN A 511 -24.94 -5.53 -4.11
C GLN A 511 -24.78 -4.01 -4.20
N HIS A 512 -24.59 -3.36 -3.06
CA HIS A 512 -24.42 -1.91 -3.04
C HIS A 512 -22.94 -1.52 -3.21
N GLU A 513 -22.06 -2.46 -2.92
CA GLU A 513 -20.62 -2.23 -3.02
C GLU A 513 -20.02 -2.89 -4.26
N GLY A 514 -19.95 -2.12 -5.35
CA GLY A 514 -19.43 -2.64 -6.60
C GLY A 514 -18.01 -3.20 -6.61
N ARG A 515 -17.18 -2.81 -5.64
CA ARG A 515 -15.82 -3.31 -5.61
C ARG A 515 -15.69 -4.82 -5.38
N TRP A 516 -16.76 -5.46 -4.90
CA TRP A 516 -16.71 -6.91 -4.69
C TRP A 516 -16.47 -7.64 -6.02
N LEU A 517 -16.71 -6.95 -7.13
CA LEU A 517 -16.51 -7.53 -8.46
C LEU A 517 -15.08 -8.06 -8.59
N HIS A 518 -14.14 -7.38 -7.93
CA HIS A 518 -12.74 -7.80 -7.96
C HIS A 518 -12.22 -8.24 -6.59
N ARG A 519 -13.11 -8.81 -5.79
CA ARG A 519 -12.73 -9.32 -4.47
C ARG A 519 -13.22 -10.75 -4.33
N PRO A 520 -12.87 -11.62 -5.29
CA PRO A 520 -13.30 -13.03 -5.24
C PRO A 520 -12.61 -13.84 -4.17
N ALA A 521 -13.19 -15.00 -3.88
CA ALA A 521 -12.61 -15.93 -2.94
C ALA A 521 -11.59 -16.70 -3.78
N MSE A 522 -10.47 -17.07 -3.16
CA MSE A 522 -9.44 -17.79 -3.89
C MSE A 522 -10.01 -19.08 -4.46
O MSE A 522 -10.80 -19.77 -3.81
CB MSE A 522 -8.27 -18.13 -2.98
CG MSE A 522 -7.15 -18.90 -3.68
SE MSE A 522 -6.34 -17.88 -5.11
CE MSE A 522 -4.50 -18.04 -4.57
N ASP A 523 -9.60 -19.40 -5.68
CA ASP A 523 -10.05 -20.62 -6.36
C ASP A 523 -8.90 -21.62 -6.26
N TRP A 524 -8.91 -22.45 -5.22
CA TRP A 524 -7.85 -23.42 -5.01
C TRP A 524 -7.86 -24.58 -6.00
N GLN A 525 -8.96 -24.76 -6.70
CA GLN A 525 -9.03 -25.82 -7.71
C GLN A 525 -8.23 -25.28 -8.88
N LEU A 526 -8.44 -23.99 -9.15
CA LEU A 526 -7.75 -23.31 -10.23
C LEU A 526 -6.27 -23.22 -9.85
N ALA A 527 -6.03 -23.00 -8.56
CA ALA A 527 -4.67 -22.90 -8.04
C ALA A 527 -3.89 -24.19 -8.31
N ALA A 528 -4.57 -25.33 -8.19
CA ALA A 528 -3.94 -26.62 -8.43
C ALA A 528 -3.66 -26.82 -9.92
N GLN A 529 -4.40 -26.11 -10.74
CA GLN A 529 -4.26 -26.21 -12.20
C GLN A 529 -2.99 -25.52 -12.71
N ARG A 530 -2.25 -24.88 -11.82
CA ARG A 530 -1.02 -24.18 -12.20
C ARG A 530 0.08 -25.18 -12.55
N HIS A 531 -0.14 -26.44 -12.16
CA HIS A 531 0.84 -27.48 -12.44
C HIS A 531 0.69 -27.95 -13.88
N ASP A 532 -0.37 -27.48 -14.54
CA ASP A 532 -0.64 -27.82 -15.93
C ASP A 532 -0.20 -26.67 -16.83
N ALA A 533 0.99 -26.81 -17.42
CA ALA A 533 1.54 -25.79 -18.29
C ALA A 533 0.67 -25.43 -19.49
N LYS A 534 -0.24 -26.33 -19.86
CA LYS A 534 -1.12 -26.08 -20.99
C LYS A 534 -2.39 -25.30 -20.63
N SER A 535 -2.70 -25.23 -19.34
CA SER A 535 -3.91 -24.51 -18.90
C SER A 535 -3.66 -23.01 -18.85
N LEU A 536 -4.73 -22.24 -18.78
CA LEU A 536 -4.61 -20.78 -18.73
C LEU A 536 -3.92 -20.35 -17.43
N SER A 537 -4.40 -20.85 -16.30
CA SER A 537 -3.82 -20.50 -15.02
C SER A 537 -2.34 -20.88 -14.99
N GLY A 538 -2.03 -22.07 -15.50
CA GLY A 538 -0.65 -22.53 -15.53
C GLY A 538 0.25 -21.72 -16.44
N THR A 539 -0.31 -21.24 -17.55
CA THR A 539 0.48 -20.44 -18.49
C THR A 539 0.81 -19.09 -17.87
N VAL A 540 -0.19 -18.44 -17.30
CA VAL A 540 0.01 -17.16 -16.65
C VAL A 540 0.97 -17.32 -15.47
N TYR A 541 0.69 -18.28 -14.61
CA TYR A 541 1.52 -18.53 -13.45
C TYR A 541 2.97 -18.75 -13.85
N ARG A 542 3.19 -19.55 -14.88
CA ARG A 542 4.54 -19.84 -15.35
C ARG A 542 5.30 -18.62 -15.86
N ARG A 543 4.62 -17.76 -16.62
CA ARG A 543 5.28 -16.56 -17.13
C ARG A 543 5.59 -15.55 -16.04
N LEU A 544 4.69 -15.43 -15.07
CA LEU A 544 4.93 -14.51 -13.97
C LEU A 544 6.09 -15.02 -13.13
N ARG A 545 6.13 -16.34 -12.92
CA ARG A 545 7.19 -16.93 -12.12
C ARG A 545 8.53 -16.71 -12.78
N GLY A 546 8.57 -16.80 -14.11
CA GLY A 546 9.79 -16.58 -14.86
C GLY A 546 10.34 -15.19 -14.62
N LEU A 547 9.45 -14.20 -14.61
CA LEU A 547 9.84 -12.82 -14.38
C LEU A 547 10.32 -12.64 -12.94
N ILE A 548 9.63 -13.29 -12.01
CA ILE A 548 9.98 -13.20 -10.59
C ILE A 548 11.35 -13.82 -10.38
N ARG A 549 11.56 -14.97 -11.01
CA ARG A 549 12.83 -15.70 -10.93
C ARG A 549 13.98 -14.83 -11.46
N GLN A 550 13.79 -14.22 -12.63
CA GLN A 550 14.84 -13.38 -13.20
C GLN A 550 15.08 -12.12 -12.37
N ARG A 551 14.00 -11.50 -11.88
CA ARG A 551 14.11 -10.29 -11.06
C ARG A 551 15.02 -10.54 -9.86
N ALA A 552 14.79 -11.66 -9.18
CA ALA A 552 15.57 -12.02 -7.99
C ALA A 552 17.06 -12.20 -8.26
N ALA A 553 17.43 -12.52 -9.49
CA ALA A 553 18.84 -12.74 -9.83
C ALA A 553 19.52 -11.50 -10.37
N LEU A 554 18.79 -10.38 -10.41
CA LEU A 554 19.32 -9.13 -10.93
C LEU A 554 19.57 -8.07 -9.87
N GLY A 555 20.84 -7.92 -9.47
CA GLY A 555 21.16 -6.92 -8.46
C GLY A 555 20.85 -5.52 -8.94
N ALA A 556 20.79 -5.35 -10.26
CA ALA A 556 20.51 -4.05 -10.86
C ALA A 556 19.11 -3.56 -10.54
N LEU A 557 18.23 -4.47 -10.10
CA LEU A 557 16.86 -4.09 -9.79
C LEU A 557 16.64 -3.70 -8.33
N ALA A 558 17.70 -3.78 -7.52
CA ALA A 558 17.59 -3.41 -6.10
C ALA A 558 17.14 -1.96 -6.00
N ALA A 559 16.41 -1.64 -4.93
CA ALA A 559 15.88 -0.30 -4.73
C ALA A 559 16.91 0.83 -4.67
N ASP A 560 18.17 0.50 -4.39
CA ASP A 560 19.20 1.54 -4.32
C ASP A 560 19.88 1.80 -5.66
N GLN A 561 19.43 1.09 -6.70
CA GLN A 561 19.96 1.26 -8.05
C GLN A 561 19.02 2.21 -8.79
N ALA A 562 19.57 3.08 -9.63
CA ALA A 562 18.79 4.07 -10.36
C ALA A 562 17.65 3.52 -11.22
N LEU A 563 16.68 4.38 -11.46
CA LEU A 563 15.51 4.06 -12.29
C LEU A 563 15.39 5.22 -13.26
N ALA A 564 15.26 4.91 -14.55
CA ALA A 564 15.11 5.95 -15.55
C ALA A 564 14.42 5.38 -16.79
N SER A 565 14.22 6.24 -17.78
CA SER A 565 13.58 5.82 -19.03
C SER A 565 14.23 6.55 -20.17
N ILE A 566 14.52 5.83 -21.25
CA ILE A 566 15.15 6.40 -22.42
C ILE A 566 14.06 6.90 -23.37
N ALA A 567 14.15 8.16 -23.78
CA ALA A 567 13.17 8.73 -24.69
C ALA A 567 13.31 8.11 -26.09
N LEU A 568 12.19 7.63 -26.62
CA LEU A 568 12.15 7.01 -27.95
C LEU A 568 11.17 7.82 -28.79
N ASN A 569 11.37 7.88 -30.10
CA ASN A 569 10.45 8.65 -30.92
C ASN A 569 9.25 7.84 -31.39
N ASP A 570 9.27 6.54 -31.11
CA ASP A 570 8.14 5.68 -31.47
C ASP A 570 7.30 5.65 -30.19
N PRO A 571 6.13 6.30 -30.20
CA PRO A 571 5.22 6.37 -29.04
C PRO A 571 4.64 5.05 -28.53
N ARG A 572 4.77 3.99 -29.33
CA ARG A 572 4.22 2.70 -28.92
C ARG A 572 5.16 1.93 -27.98
N VAL A 573 6.41 2.36 -27.92
CA VAL A 573 7.41 1.67 -27.10
C VAL A 573 7.76 2.36 -25.79
N PHE A 574 8.24 1.58 -24.84
CA PHE A 574 8.65 2.08 -23.54
C PHE A 574 9.93 1.37 -23.10
N ALA A 575 10.99 2.15 -22.88
CA ALA A 575 12.27 1.60 -22.45
C ALA A 575 12.53 2.04 -21.02
N LEU A 576 12.62 1.08 -20.12
CA LEU A 576 12.88 1.37 -18.71
C LEU A 576 14.26 0.84 -18.38
N THR A 577 15.06 1.66 -17.69
CA THR A 577 16.40 1.23 -17.32
C THR A 577 16.55 1.18 -15.81
N ARG A 578 17.40 0.27 -15.34
CA ARG A 578 17.67 0.11 -13.93
C ARG A 578 19.19 0.07 -13.82
N GLY A 579 19.75 0.90 -12.94
CA GLY A 579 21.19 0.92 -12.80
C GLY A 579 21.81 1.27 -14.14
N ASP A 580 22.99 0.74 -14.42
CA ASP A 580 23.66 1.01 -15.68
C ASP A 580 23.80 -0.25 -16.54
N SER A 581 23.24 -1.36 -16.07
CA SER A 581 23.35 -2.61 -16.81
C SER A 581 22.05 -3.28 -17.20
N PHE A 582 20.91 -2.70 -16.84
CA PHE A 582 19.64 -3.33 -17.18
C PHE A 582 18.69 -2.44 -17.98
N ILE A 583 18.05 -3.05 -18.98
CA ILE A 583 17.10 -2.35 -19.83
C ILE A 583 15.90 -3.26 -20.08
N ALA A 584 14.70 -2.72 -19.97
CA ALA A 584 13.50 -3.49 -20.23
C ALA A 584 12.76 -2.75 -21.33
N LEU A 585 12.52 -3.44 -22.44
CA LEU A 585 11.82 -2.86 -23.58
C LEU A 585 10.39 -3.40 -23.62
N HIS A 586 9.45 -2.50 -23.89
CA HIS A 586 8.04 -2.89 -23.91
C HIS A 586 7.31 -2.37 -25.15
N ASN A 587 6.48 -3.22 -25.73
CA ASN A 587 5.68 -2.85 -26.89
C ASN A 587 4.25 -2.80 -26.42
N PHE A 588 3.70 -1.59 -26.31
CA PHE A 588 2.33 -1.43 -25.84
C PHE A 588 1.28 -1.44 -26.94
N SER A 589 1.69 -1.78 -28.16
CA SER A 589 0.76 -1.84 -29.28
C SER A 589 0.53 -3.30 -29.66
N ASP A 590 -0.42 -3.54 -30.56
CA ASP A 590 -0.74 -4.89 -31.01
C ASP A 590 -0.02 -5.21 -32.32
N GLN A 591 0.99 -4.40 -32.63
CA GLN A 591 1.77 -4.56 -33.85
C GLN A 591 3.19 -5.04 -33.57
N LEU A 592 3.75 -5.80 -34.50
CA LEU A 592 5.12 -6.23 -34.37
C LEU A 592 5.95 -5.01 -34.75
N LEU A 593 7.00 -4.73 -34.00
CA LEU A 593 7.85 -3.59 -34.31
C LEU A 593 9.24 -3.88 -33.78
N ASP A 594 10.16 -2.96 -33.95
CA ASP A 594 11.51 -3.20 -33.46
C ASP A 594 12.16 -1.94 -32.90
N VAL A 595 13.13 -2.16 -32.02
CA VAL A 595 13.85 -1.07 -31.39
C VAL A 595 15.31 -1.13 -31.81
N GLU A 596 15.80 -0.04 -32.38
CA GLU A 596 17.19 0.03 -32.82
C GLU A 596 18.10 0.22 -31.61
N LEU A 597 19.13 -0.61 -31.51
CA LEU A 597 20.07 -0.55 -30.41
C LEU A 597 20.71 0.83 -30.30
N ALA A 598 20.96 1.45 -31.44
CA ALA A 598 21.57 2.77 -31.48
C ALA A 598 20.62 3.86 -31.00
N ALA A 599 19.55 3.46 -30.33
CA ALA A 599 18.55 4.39 -29.81
C ALA A 599 18.51 4.26 -28.29
N ILE A 600 19.14 3.21 -27.79
CA ILE A 600 19.18 2.94 -26.36
C ILE A 600 20.61 2.60 -25.95
N GLY A 601 21.54 2.83 -26.88
CA GLY A 601 22.95 2.54 -26.62
C GLY A 601 23.20 1.18 -26.01
N VAL A 602 22.84 0.12 -26.73
CA VAL A 602 23.03 -1.23 -26.22
C VAL A 602 23.66 -2.22 -27.20
N ASP A 603 23.72 -3.47 -26.77
CA ASP A 603 24.29 -4.58 -27.54
C ASP A 603 24.50 -5.74 -26.57
N GLY A 604 23.89 -5.62 -25.39
CA GLY A 604 24.03 -6.63 -24.35
C GLY A 604 23.47 -8.01 -24.62
N TRP A 605 23.11 -8.71 -23.53
CA TRP A 605 22.58 -10.06 -23.62
C TRP A 605 21.10 -10.12 -23.21
N THR A 606 20.38 -11.08 -23.78
CA THR A 606 18.96 -11.25 -23.47
C THR A 606 18.76 -12.13 -22.25
N LEU A 607 17.93 -11.67 -21.32
CA LEU A 607 17.64 -12.42 -20.10
C LEU A 607 16.58 -13.48 -20.31
N LEU A 608 16.71 -14.58 -19.56
CA LEU A 608 15.78 -15.72 -19.63
C LEU A 608 15.09 -15.85 -20.99
N SER A 624 18.99 -4.65 -34.22
CA SER A 624 17.86 -4.14 -33.44
C SER A 624 17.20 -5.26 -32.65
N ILE A 625 16.17 -4.90 -31.89
CA ILE A 625 15.43 -5.86 -31.09
C ILE A 625 13.98 -5.88 -31.54
N VAL A 626 13.51 -7.04 -31.96
CA VAL A 626 12.14 -7.20 -32.43
C VAL A 626 11.21 -7.53 -31.27
N LEU A 627 10.12 -6.78 -31.18
CA LEU A 627 9.14 -6.99 -30.11
C LEU A 627 7.80 -7.34 -30.71
N PRO A 628 7.27 -8.53 -30.41
CA PRO A 628 5.96 -8.90 -30.96
C PRO A 628 4.92 -8.03 -30.23
N PRO A 629 3.65 -8.10 -30.66
CA PRO A 629 2.60 -7.32 -30.01
C PRO A 629 2.58 -7.53 -28.50
N TYR A 630 2.55 -6.44 -27.74
CA TYR A 630 2.51 -6.50 -26.29
C TYR A 630 3.69 -7.26 -25.69
N GLY A 631 4.80 -7.28 -26.42
CA GLY A 631 5.97 -8.00 -25.94
C GLY A 631 6.84 -7.22 -24.98
N VAL A 632 7.59 -7.94 -24.17
CA VAL A 632 8.51 -7.34 -23.23
C VAL A 632 9.80 -8.13 -23.32
N ARG A 633 10.93 -7.43 -23.28
CA ARG A 633 12.22 -8.07 -23.35
C ARG A 633 13.16 -7.43 -22.34
N TRP A 634 13.83 -8.25 -21.55
CA TRP A 634 14.78 -7.76 -20.55
C TRP A 634 16.19 -8.01 -21.08
N LEU A 635 17.02 -6.98 -21.05
CA LEU A 635 18.38 -7.10 -21.55
C LEU A 635 19.42 -6.60 -20.58
N GLN A 636 20.54 -7.31 -20.53
CA GLN A 636 21.65 -6.91 -19.68
C GLN A 636 22.56 -6.21 -20.67
N ARG A 637 22.16 -4.99 -21.04
CA ARG A 637 22.89 -4.17 -22.01
C ARG A 637 24.41 -4.21 -21.85
N GLY A 638 24.88 -4.80 -20.75
CA GLY A 638 26.31 -4.90 -20.52
C GLY A 638 26.76 -6.33 -20.28
C1 GLC B . -8.83 3.03 2.18
C2 GLC B . -9.09 1.60 1.65
C3 GLC B . -10.45 1.57 0.94
C4 GLC B . -11.52 1.96 1.95
C5 GLC B . -11.20 3.38 2.49
C6 GLC B . -12.26 3.77 3.55
O1 GLC B . -8.81 3.97 1.10
O2 GLC B . -8.06 1.24 0.71
O3 GLC B . -10.72 0.26 0.45
O4 GLC B . -12.81 1.96 1.31
O5 GLC B . -9.89 3.38 3.14
O6 GLC B . -11.98 5.07 4.07
#